data_1TN7
#
_entry.id   1TN7
#
_cell.length_a   170.994
_cell.length_b   170.994
_cell.length_c   69.583
_cell.angle_alpha   90.00
_cell.angle_beta   90.00
_cell.angle_gamma   120.00
#
_symmetry.space_group_name_H-M   'P 61'
#
loop_
_entity.id
_entity.type
_entity.pdbx_description
1 polymer 'Protein farnesyltransferase alpha subunit'
2 polymer 'Protein farnesyltransferase beta subunit'
3 polymer 'Fusion protein'
4 non-polymer 'ACETIC ACID'
5 non-polymer 'ZINC ION'
6 non-polymer '[(3,7,11-TRIMETHYL-DODECA-2,6,10-TRIENYLOXYCARBAMOYL)-METHYL]-PHOSPHONIC ACID'
7 water water
#
loop_
_entity_poly.entity_id
_entity_poly.type
_entity_poly.pdbx_seq_one_letter_code
_entity_poly.pdbx_strand_id
1 'polypeptide(L)'
;MAATEGVGESAPGGEPGQPEQPPPPPPPPPAQQPQEEEMAAEAGEAAASPMDDGFLSLDSPTYVLYRDRAEWADIDPVPQ
NDGPSPVVQIIYSEKFRDVYDYFRAVLQRDERSERAFKLTRDAIELNAANYTVWHFRRVLLRSLQKDLQEEMNYIIAIIE
EQPKNYQVWHHRRVLVEWLKDPSQELEFIADILNQDAKNYHAWQHRQWVIQEFRLWDNELQYVDQLLKEDVRNNSVWNQR
HFVISNTTGYSDRAVLEREVQYTLEMIKLVPHNESAWNYLKGILQDRGLSRYPNLLNQLLDLQPSHSSPYLIAFLVDIYE
DMLENQCDNKEDILNKALELCEILAKEKDTIRKEYWRYIGRSLQSKHSRESDIPASV
;
A
2 'polypeptide(L)'
;MASSSSFTYYCPPSSSPVWSEPLYSLRPEHARERLQDDSVETVTSIEQAKVEEKIQEVFSSYKFNHLVPRLVLQREKHFH
YLKRGLRQLTDAYECLDASRPWLCYWILHSLELLDEPIPQIVATDVCQFLELCQSPDGGFGGGPGQYPHLAPTYAAVNAL
CIIGTEEAYNVINREKLLQYLYSLKQPDGSFLMHVGGEVDVRSAYCAASVASLTNIITPDLFEGTAEWIARCQNWEGGIG
GVPGMEAHGGYTFCGLAALVILKKERSLNLKSLLQWVTSRQMRFEGGFQGRCNKLVDGCYSFWQAGLLPLLHRALHAQGD
PALSMSHWMFHQQALQEYILMCCQCPAGGLLDKPGKSRDFYHTCYCLSGLSIAQHFGSGAMLHDVVMGVPENVLQPTHPV
YNIGPDKVIQATTHFLQKPVPGFEECEDAVTSDPATD
;
B
3 'polypeptide(L)' KKSKTKCVIF C
#
loop_
_chem_comp.id
_chem_comp.type
_chem_comp.name
_chem_comp.formula
ACY non-polymer 'ACETIC ACID' 'C2 H4 O2'
FII non-polymer '[(3,7,11-TRIMETHYL-DODECA-2,6,10-TRIENYLOXYCARBAMOYL)-METHYL]-PHOSPHONIC ACID' 'C17 H30 N O5 P'
ZN non-polymer 'ZINC ION' 'Zn 2'
#
# COMPACT_ATOMS: atom_id res chain seq x y z
N PHE A 55 -16.85 -31.80 9.90
CA PHE A 55 -17.43 -33.13 9.51
C PHE A 55 -17.16 -33.46 8.04
N LEU A 56 -17.96 -32.88 7.14
CA LEU A 56 -17.79 -33.13 5.72
C LEU A 56 -17.05 -32.00 5.00
N SER A 57 -15.78 -32.24 4.70
CA SER A 57 -14.93 -31.26 4.04
C SER A 57 -15.46 -30.75 2.69
N LEU A 58 -15.15 -29.49 2.42
CA LEU A 58 -15.57 -28.82 1.20
C LEU A 58 -14.90 -29.47 -0.02
N ASP A 59 -13.76 -30.11 0.22
CA ASP A 59 -13.01 -30.76 -0.84
C ASP A 59 -13.22 -32.27 -0.91
N SER A 60 -13.97 -32.80 0.05
CA SER A 60 -14.27 -34.22 0.10
C SER A 60 -14.93 -34.71 -1.19
N PRO A 61 -14.54 -35.91 -1.67
CA PRO A 61 -15.16 -36.42 -2.90
C PRO A 61 -16.65 -36.71 -2.71
N THR A 62 -17.05 -36.96 -1.46
CA THR A 62 -18.45 -37.26 -1.15
C THR A 62 -19.21 -36.05 -0.59
N TYR A 63 -18.63 -34.86 -0.77
CA TYR A 63 -19.26 -33.62 -0.30
C TYR A 63 -20.62 -33.48 -0.99
N VAL A 64 -21.61 -33.02 -0.25
CA VAL A 64 -22.96 -32.84 -0.78
C VAL A 64 -23.44 -31.40 -0.56
N LEU A 65 -24.11 -30.83 -1.56
CA LEU A 65 -24.61 -29.47 -1.44
C LEU A 65 -25.54 -29.44 -0.24
N TYR A 66 -25.66 -28.27 0.40
CA TYR A 66 -26.53 -28.15 1.55
C TYR A 66 -28.00 -28.33 1.22
N ARG A 67 -28.40 -27.97 0.00
CA ARG A 67 -29.81 -28.14 -0.37
C ARG A 67 -30.15 -29.62 -0.51
N ASP A 68 -29.14 -30.48 -0.44
CA ASP A 68 -29.37 -31.92 -0.55
C ASP A 68 -29.09 -32.64 0.76
N ARG A 69 -29.03 -31.89 1.85
CA ARG A 69 -28.76 -32.47 3.16
C ARG A 69 -30.04 -32.51 3.99
N ALA A 70 -30.39 -33.71 4.47
CA ALA A 70 -31.59 -33.91 5.26
C ALA A 70 -31.66 -33.00 6.48
N GLU A 71 -30.58 -32.97 7.26
CA GLU A 71 -30.51 -32.16 8.47
C GLU A 71 -30.69 -30.66 8.24
N TRP A 72 -30.82 -30.24 6.98
CA TRP A 72 -31.03 -28.83 6.68
C TRP A 72 -32.36 -28.60 5.97
N ALA A 73 -33.18 -29.65 5.89
CA ALA A 73 -34.47 -29.57 5.20
C ALA A 73 -35.46 -28.55 5.76
N ASP A 74 -35.37 -28.24 7.05
CA ASP A 74 -36.29 -27.30 7.68
C ASP A 74 -35.99 -25.85 7.32
N ILE A 75 -34.79 -25.60 6.84
CA ILE A 75 -34.34 -24.26 6.48
C ILE A 75 -34.50 -23.92 5.01
N ASP A 76 -35.08 -22.76 4.74
CA ASP A 76 -35.21 -22.28 3.37
C ASP A 76 -34.01 -21.39 3.09
N PRO A 77 -33.25 -21.71 2.04
CA PRO A 77 -32.07 -20.91 1.70
C PRO A 77 -32.52 -19.48 1.41
N VAL A 78 -31.60 -18.53 1.52
CA VAL A 78 -31.91 -17.13 1.25
C VAL A 78 -31.03 -16.64 0.11
N PRO A 79 -31.61 -16.52 -1.09
CA PRO A 79 -30.90 -16.06 -2.29
C PRO A 79 -30.34 -14.66 -2.09
N GLN A 80 -29.22 -14.38 -2.75
CA GLN A 80 -28.61 -13.06 -2.64
C GLN A 80 -29.46 -12.03 -3.37
N ASN A 81 -29.70 -10.91 -2.69
CA ASN A 81 -30.51 -9.83 -3.22
C ASN A 81 -29.67 -8.81 -4.02
N ASP A 82 -29.39 -9.13 -5.28
CA ASP A 82 -28.60 -8.24 -6.13
C ASP A 82 -29.43 -7.20 -6.87
N GLY A 83 -30.75 -7.27 -6.72
CA GLY A 83 -31.62 -6.31 -7.38
C GLY A 83 -32.08 -6.73 -8.76
N PRO A 84 -32.89 -5.89 -9.44
CA PRO A 84 -33.42 -6.14 -10.77
C PRO A 84 -32.40 -6.23 -11.91
N SER A 85 -31.49 -5.27 -11.98
CA SER A 85 -30.46 -5.26 -13.02
C SER A 85 -29.07 -5.10 -12.39
N PRO A 86 -28.49 -6.21 -11.91
CA PRO A 86 -27.19 -6.31 -11.25
C PRO A 86 -25.97 -5.71 -11.95
N VAL A 87 -25.00 -5.32 -11.12
CA VAL A 87 -23.73 -4.78 -11.60
C VAL A 87 -22.67 -5.62 -10.92
N VAL A 88 -21.48 -5.72 -11.53
CA VAL A 88 -20.39 -6.52 -10.98
C VAL A 88 -20.92 -7.80 -10.34
N GLN A 89 -21.89 -8.41 -11.01
CA GLN A 89 -22.49 -9.65 -10.55
C GLN A 89 -21.54 -10.80 -10.81
N ILE A 90 -21.24 -11.56 -9.76
CA ILE A 90 -20.33 -12.68 -9.87
C ILE A 90 -21.09 -13.96 -10.19
N ILE A 91 -20.63 -14.69 -11.20
CA ILE A 91 -21.26 -15.93 -11.58
C ILE A 91 -20.67 -17.02 -10.70
N TYR A 92 -21.21 -17.15 -9.50
CA TYR A 92 -20.73 -18.14 -8.55
C TYR A 92 -20.91 -19.57 -9.00
N SER A 93 -20.02 -20.43 -8.51
CA SER A 93 -20.09 -21.85 -8.82
C SER A 93 -21.24 -22.39 -7.98
N GLU A 94 -21.69 -23.60 -8.29
CA GLU A 94 -22.78 -24.24 -7.55
C GLU A 94 -22.49 -24.28 -6.04
N LYS A 95 -21.36 -24.87 -5.67
CA LYS A 95 -20.98 -25.01 -4.28
C LYS A 95 -20.97 -23.68 -3.52
N PHE A 96 -20.41 -22.65 -4.14
CA PHE A 96 -20.32 -21.35 -3.49
C PHE A 96 -21.70 -20.77 -3.16
N ARG A 97 -22.55 -20.64 -4.18
CA ARG A 97 -23.88 -20.08 -4.02
C ARG A 97 -24.73 -20.86 -3.03
N ASP A 98 -24.62 -22.18 -3.08
CA ASP A 98 -25.38 -23.05 -2.18
C ASP A 98 -24.99 -22.80 -0.73
N VAL A 99 -23.69 -22.76 -0.45
CA VAL A 99 -23.23 -22.53 0.92
C VAL A 99 -23.65 -21.15 1.42
N TYR A 100 -23.45 -20.13 0.59
CA TYR A 100 -23.81 -18.79 1.00
C TYR A 100 -25.30 -18.53 1.09
N ASP A 101 -26.10 -19.30 0.34
CA ASP A 101 -27.56 -19.14 0.40
C ASP A 101 -28.00 -19.65 1.78
N TYR A 102 -27.33 -20.68 2.27
CA TYR A 102 -27.68 -21.21 3.59
C TYR A 102 -27.09 -20.35 4.70
N PHE A 103 -25.94 -19.73 4.42
CA PHE A 103 -25.34 -18.88 5.43
C PHE A 103 -26.26 -17.68 5.62
N ARG A 104 -26.74 -17.13 4.50
CA ARG A 104 -27.64 -15.99 4.57
C ARG A 104 -28.88 -16.33 5.41
N ALA A 105 -29.28 -17.60 5.37
CA ALA A 105 -30.46 -18.03 6.12
C ALA A 105 -30.19 -18.09 7.62
N VAL A 106 -29.08 -18.69 8.02
CA VAL A 106 -28.79 -18.79 9.45
C VAL A 106 -28.48 -17.41 10.03
N LEU A 107 -27.82 -16.57 9.24
CA LEU A 107 -27.48 -15.23 9.70
C LEU A 107 -28.76 -14.43 9.94
N GLN A 108 -29.67 -14.53 8.98
CA GLN A 108 -30.96 -13.83 9.05
C GLN A 108 -31.77 -14.26 10.28
N ARG A 109 -31.83 -15.54 10.54
CA ARG A 109 -32.56 -16.07 11.68
C ARG A 109 -31.74 -15.91 12.95
N ASP A 110 -30.46 -15.65 12.79
CA ASP A 110 -29.54 -15.55 13.91
C ASP A 110 -29.60 -16.88 14.66
N GLU A 111 -29.58 -17.97 13.88
CA GLU A 111 -29.61 -19.30 14.46
C GLU A 111 -28.24 -19.63 15.01
N ARG A 112 -28.13 -19.63 16.33
CA ARG A 112 -26.86 -19.92 16.97
C ARG A 112 -26.83 -21.39 17.33
N SER A 113 -26.53 -22.21 16.33
CA SER A 113 -26.51 -23.65 16.49
C SER A 113 -25.21 -24.29 16.04
N GLU A 114 -25.05 -25.56 16.40
CA GLU A 114 -23.89 -26.32 16.03
C GLU A 114 -23.79 -26.44 14.50
N ARG A 115 -24.93 -26.65 13.84
CA ARG A 115 -24.91 -26.77 12.40
C ARG A 115 -24.51 -25.45 11.73
N ALA A 116 -24.92 -24.32 12.31
CA ALA A 116 -24.56 -23.02 11.75
C ALA A 116 -23.04 -22.86 11.91
N PHE A 117 -22.54 -23.24 13.08
CA PHE A 117 -21.12 -23.14 13.34
C PHE A 117 -20.33 -23.91 12.27
N LYS A 118 -20.73 -25.15 12.01
CA LYS A 118 -20.05 -25.94 10.98
C LYS A 118 -20.20 -25.30 9.60
N LEU A 119 -21.32 -24.65 9.36
CA LEU A 119 -21.54 -24.01 8.07
C LEU A 119 -20.55 -22.87 7.82
N THR A 120 -20.21 -22.10 8.86
CA THR A 120 -19.28 -20.98 8.70
C THR A 120 -17.90 -21.46 8.25
N ARG A 121 -17.52 -22.66 8.65
CA ARG A 121 -16.23 -23.21 8.25
C ARG A 121 -16.17 -23.35 6.73
N ASP A 122 -17.29 -23.75 6.12
CA ASP A 122 -17.33 -23.92 4.67
C ASP A 122 -17.41 -22.58 3.96
N ALA A 123 -18.18 -21.66 4.51
CA ALA A 123 -18.31 -20.34 3.92
C ALA A 123 -16.94 -19.66 3.94
N ILE A 124 -16.21 -19.85 5.03
CA ILE A 124 -14.88 -19.26 5.17
C ILE A 124 -13.94 -19.90 4.16
N GLU A 125 -14.05 -21.21 4.00
CA GLU A 125 -13.22 -21.93 3.06
C GLU A 125 -13.45 -21.40 1.63
N LEU A 126 -14.70 -21.09 1.30
CA LEU A 126 -15.03 -20.59 -0.03
C LEU A 126 -14.52 -19.16 -0.23
N ASN A 127 -14.48 -18.38 0.85
CA ASN A 127 -13.99 -17.00 0.78
C ASN A 127 -13.62 -16.53 2.18
N ALA A 128 -12.37 -16.80 2.56
CA ALA A 128 -11.86 -16.43 3.86
C ALA A 128 -11.81 -14.93 4.10
N ALA A 129 -12.02 -14.15 3.04
CA ALA A 129 -12.02 -12.69 3.17
C ALA A 129 -13.39 -12.13 3.55
N ASN A 130 -14.40 -13.00 3.67
CA ASN A 130 -15.72 -12.54 4.02
C ASN A 130 -15.77 -12.26 5.53
N TYR A 131 -15.53 -11.01 5.91
CA TYR A 131 -15.49 -10.64 7.32
C TYR A 131 -16.82 -10.86 8.05
N THR A 132 -17.94 -10.77 7.33
CA THR A 132 -19.24 -10.99 7.95
C THR A 132 -19.37 -12.41 8.51
N VAL A 133 -18.85 -13.39 7.77
CA VAL A 133 -18.92 -14.78 8.23
C VAL A 133 -18.05 -14.95 9.48
N TRP A 134 -16.89 -14.30 9.49
CA TRP A 134 -16.00 -14.40 10.64
C TRP A 134 -16.65 -13.82 11.89
N HIS A 135 -17.40 -12.73 11.74
CA HIS A 135 -18.05 -12.13 12.89
C HIS A 135 -19.11 -13.08 13.43
N PHE A 136 -19.89 -13.67 12.54
CA PHE A 136 -20.91 -14.60 12.98
C PHE A 136 -20.25 -15.79 13.66
N ARG A 137 -19.12 -16.26 13.13
CA ARG A 137 -18.46 -17.40 13.73
C ARG A 137 -18.02 -17.09 15.15
N ARG A 138 -17.54 -15.87 15.38
CA ARG A 138 -17.13 -15.49 16.72
C ARG A 138 -18.34 -15.38 17.63
N VAL A 139 -19.48 -14.97 17.08
CA VAL A 139 -20.70 -14.90 17.89
C VAL A 139 -21.03 -16.33 18.33
N LEU A 140 -20.93 -17.27 17.40
CA LEU A 140 -21.23 -18.67 17.70
C LEU A 140 -20.21 -19.29 18.66
N LEU A 141 -18.94 -18.90 18.55
CA LEU A 141 -17.92 -19.46 19.44
C LEU A 141 -18.28 -19.17 20.90
N ARG A 142 -18.69 -17.95 21.20
CA ARG A 142 -19.05 -17.58 22.56
C ARG A 142 -20.41 -18.12 22.97
N SER A 143 -21.41 -17.89 22.14
CA SER A 143 -22.77 -18.34 22.42
C SER A 143 -22.88 -19.86 22.66
N LEU A 144 -22.18 -20.65 21.85
CA LEU A 144 -22.21 -22.10 21.99
C LEU A 144 -21.15 -22.62 22.95
N GLN A 145 -20.39 -21.72 23.56
CA GLN A 145 -19.34 -22.14 24.50
C GLN A 145 -18.38 -23.14 23.85
N LYS A 146 -17.90 -22.83 22.64
CA LYS A 146 -16.99 -23.73 21.95
C LYS A 146 -15.60 -23.73 22.59
N ASP A 147 -14.96 -24.88 22.57
CA ASP A 147 -13.61 -25.00 23.13
C ASP A 147 -12.69 -24.15 22.24
N LEU A 148 -12.09 -23.12 22.83
CA LEU A 148 -11.22 -22.21 22.08
C LEU A 148 -9.86 -22.77 21.66
N GLN A 149 -9.35 -23.78 22.35
CA GLN A 149 -8.08 -24.39 21.94
C GLN A 149 -8.32 -25.13 20.64
N GLU A 150 -9.51 -25.72 20.52
CA GLU A 150 -9.87 -26.43 19.31
C GLU A 150 -9.97 -25.39 18.19
N GLU A 151 -10.53 -24.23 18.50
CA GLU A 151 -10.65 -23.17 17.51
C GLU A 151 -9.24 -22.67 17.16
N MET A 152 -8.33 -22.71 18.13
CA MET A 152 -6.96 -22.30 17.89
C MET A 152 -6.37 -23.26 16.86
N ASN A 153 -6.55 -24.57 17.05
CA ASN A 153 -6.01 -25.57 16.11
C ASN A 153 -6.58 -25.28 14.74
N TYR A 154 -7.85 -24.90 14.71
CA TYR A 154 -8.52 -24.59 13.45
C TYR A 154 -7.87 -23.38 12.76
N ILE A 155 -7.74 -22.26 13.47
CA ILE A 155 -7.17 -21.09 12.84
C ILE A 155 -5.72 -21.30 12.39
N ILE A 156 -4.96 -22.09 13.13
CA ILE A 156 -3.55 -22.35 12.80
C ILE A 156 -3.42 -23.01 11.40
N ALA A 157 -4.41 -23.84 11.09
CA ALA A 157 -4.48 -24.54 9.82
C ALA A 157 -4.93 -23.61 8.69
N ILE A 158 -5.94 -22.78 8.96
CA ILE A 158 -6.41 -21.85 7.94
C ILE A 158 -5.35 -20.83 7.55
N ILE A 159 -4.62 -20.32 8.54
CA ILE A 159 -3.58 -19.35 8.26
C ILE A 159 -2.46 -19.99 7.44
N GLU A 160 -2.13 -21.24 7.75
CA GLU A 160 -1.10 -21.94 7.00
C GLU A 160 -1.43 -21.96 5.51
N GLU A 161 -2.70 -22.16 5.18
CA GLU A 161 -3.09 -22.18 3.76
C GLU A 161 -3.40 -20.82 3.12
N GLN A 162 -3.79 -19.82 3.92
CA GLN A 162 -4.08 -18.49 3.38
C GLN A 162 -3.44 -17.44 4.28
N PRO A 163 -2.11 -17.43 4.35
CA PRO A 163 -1.34 -16.50 5.17
C PRO A 163 -1.35 -14.99 4.84
N LYS A 164 -1.88 -14.61 3.69
CA LYS A 164 -1.90 -13.19 3.33
C LYS A 164 -3.28 -12.55 3.53
N ASN A 165 -4.15 -13.26 4.23
CA ASN A 165 -5.51 -12.80 4.51
C ASN A 165 -5.58 -12.02 5.83
N TYR A 166 -6.28 -10.89 5.82
CA TYR A 166 -6.42 -10.06 7.01
C TYR A 166 -7.27 -10.70 8.11
N GLN A 167 -8.42 -11.23 7.72
CA GLN A 167 -9.36 -11.82 8.68
C GLN A 167 -8.81 -12.95 9.52
N VAL A 168 -8.04 -13.84 8.92
CA VAL A 168 -7.51 -14.99 9.66
C VAL A 168 -6.59 -14.58 10.79
N TRP A 169 -5.74 -13.59 10.56
CA TRP A 169 -4.84 -13.13 11.60
C TRP A 169 -5.61 -12.41 12.70
N HIS A 170 -6.59 -11.59 12.33
CA HIS A 170 -7.35 -10.88 13.35
C HIS A 170 -8.09 -11.90 14.21
N HIS A 171 -8.61 -12.94 13.57
CA HIS A 171 -9.32 -13.97 14.32
C HIS A 171 -8.40 -14.64 15.35
N ARG A 172 -7.18 -14.96 14.92
CA ARG A 172 -6.24 -15.60 15.83
C ARG A 172 -5.93 -14.68 17.00
N ARG A 173 -5.78 -13.39 16.73
CA ARG A 173 -5.49 -12.41 17.79
C ARG A 173 -6.61 -12.44 18.83
N VAL A 174 -7.85 -12.41 18.35
CA VAL A 174 -8.99 -12.43 19.25
C VAL A 174 -8.99 -13.67 20.14
N LEU A 175 -8.60 -14.80 19.55
CA LEU A 175 -8.56 -16.05 20.30
C LEU A 175 -7.52 -15.95 21.43
N VAL A 176 -6.33 -15.47 21.08
CA VAL A 176 -5.27 -15.30 22.06
C VAL A 176 -5.74 -14.37 23.18
N GLU A 177 -6.43 -13.30 22.80
CA GLU A 177 -6.95 -12.36 23.79
C GLU A 177 -7.95 -13.04 24.72
N TRP A 178 -8.89 -13.78 24.14
CA TRP A 178 -9.89 -14.48 24.94
C TRP A 178 -9.27 -15.45 25.92
N LEU A 179 -8.32 -16.23 25.43
CA LEU A 179 -7.64 -17.23 26.25
C LEU A 179 -6.54 -16.65 27.14
N LYS A 180 -6.04 -15.48 26.77
CA LYS A 180 -4.96 -14.84 27.52
C LYS A 180 -3.80 -15.82 27.56
N ASP A 181 -3.55 -16.46 26.42
CA ASP A 181 -2.48 -17.44 26.30
C ASP A 181 -1.66 -17.23 25.03
N PRO A 182 -0.43 -16.74 25.16
CA PRO A 182 0.44 -16.50 24.00
C PRO A 182 1.46 -17.62 23.85
N SER A 183 1.30 -18.68 24.63
CA SER A 183 2.23 -19.81 24.62
C SER A 183 2.54 -20.45 23.27
N GLN A 184 1.61 -20.40 22.34
CA GLN A 184 1.83 -21.00 21.02
C GLN A 184 2.23 -20.03 19.91
N GLU A 185 2.18 -18.73 20.19
CA GLU A 185 2.43 -17.72 19.16
C GLU A 185 3.77 -17.61 18.47
N LEU A 186 4.84 -17.35 19.21
CA LEU A 186 6.15 -17.22 18.58
C LEU A 186 6.54 -18.41 17.71
N GLU A 187 6.21 -19.61 18.16
CA GLU A 187 6.53 -20.81 17.42
C GLU A 187 5.67 -20.92 16.16
N PHE A 188 4.37 -20.63 16.29
CA PHE A 188 3.48 -20.69 15.13
C PHE A 188 3.93 -19.67 14.09
N ILE A 189 4.15 -18.43 14.54
CA ILE A 189 4.58 -17.38 13.63
C ILE A 189 5.89 -17.77 12.97
N ALA A 190 6.83 -18.31 13.76
CA ALA A 190 8.11 -18.74 13.23
C ALA A 190 7.91 -19.71 12.06
N ASP A 191 6.93 -20.61 12.17
CA ASP A 191 6.69 -21.55 11.10
C ASP A 191 6.18 -20.84 9.85
N ILE A 192 5.32 -19.84 10.02
CA ILE A 192 4.79 -19.11 8.88
C ILE A 192 5.94 -18.34 8.23
N LEU A 193 6.77 -17.70 9.04
CA LEU A 193 7.89 -16.92 8.52
C LEU A 193 8.93 -17.79 7.84
N ASN A 194 8.92 -19.08 8.15
CA ASN A 194 9.86 -20.01 7.55
C ASN A 194 9.44 -20.27 6.09
N GLN A 195 8.19 -19.98 5.76
CA GLN A 195 7.69 -20.18 4.40
C GLN A 195 7.75 -18.86 3.62
N ASP A 196 7.46 -17.74 4.29
CA ASP A 196 7.53 -16.41 3.68
C ASP A 196 8.11 -15.53 4.78
N ALA A 197 9.41 -15.31 4.71
CA ALA A 197 10.13 -14.53 5.71
C ALA A 197 9.73 -13.06 5.74
N LYS A 198 8.91 -12.65 4.79
CA LYS A 198 8.50 -11.25 4.73
C LYS A 198 7.00 -11.06 4.88
N ASN A 199 6.29 -12.10 5.32
CA ASN A 199 4.84 -11.99 5.50
C ASN A 199 4.52 -10.88 6.48
N TYR A 200 3.97 -9.79 5.95
CA TYR A 200 3.63 -8.61 6.74
C TYR A 200 2.70 -8.87 7.92
N HIS A 201 1.64 -9.65 7.70
CA HIS A 201 0.69 -9.93 8.77
C HIS A 201 1.35 -10.71 9.90
N ALA A 202 2.21 -11.65 9.51
CA ALA A 202 2.93 -12.48 10.46
C ALA A 202 3.80 -11.60 11.36
N TRP A 203 4.57 -10.70 10.76
CA TRP A 203 5.43 -9.82 11.55
C TRP A 203 4.60 -8.90 12.46
N GLN A 204 3.47 -8.41 11.95
CA GLN A 204 2.61 -7.52 12.73
C GLN A 204 2.00 -8.25 13.92
N HIS A 205 1.60 -9.50 13.71
CA HIS A 205 1.03 -10.29 14.79
C HIS A 205 2.13 -10.57 15.81
N ARG A 206 3.34 -10.83 15.32
CA ARG A 206 4.48 -11.14 16.19
C ARG A 206 4.80 -9.93 17.09
N GLN A 207 4.77 -8.73 16.52
CA GLN A 207 5.05 -7.54 17.32
C GLN A 207 3.97 -7.37 18.38
N TRP A 208 2.72 -7.57 18.00
CA TRP A 208 1.63 -7.42 18.95
C TRP A 208 1.79 -8.39 20.12
N VAL A 209 2.00 -9.66 19.83
CA VAL A 209 2.16 -10.68 20.87
C VAL A 209 3.30 -10.33 21.82
N ILE A 210 4.47 -10.06 21.26
CA ILE A 210 5.64 -9.71 22.04
C ILE A 210 5.40 -8.51 22.94
N GLN A 211 4.81 -7.47 22.37
CA GLN A 211 4.54 -6.26 23.13
C GLN A 211 3.51 -6.46 24.24
N GLU A 212 2.36 -7.04 23.90
CA GLU A 212 1.31 -7.27 24.89
C GLU A 212 1.65 -8.24 26.01
N PHE A 213 2.41 -9.28 25.71
CA PHE A 213 2.76 -10.25 26.74
C PHE A 213 4.21 -10.15 27.19
N ARG A 214 4.88 -9.07 26.80
CA ARG A 214 6.28 -8.86 27.17
C ARG A 214 7.13 -10.11 26.97
N LEU A 215 7.28 -10.54 25.73
CA LEU A 215 8.10 -11.71 25.41
C LEU A 215 9.30 -11.27 24.59
N TRP A 216 10.03 -10.29 25.12
CA TRP A 216 11.19 -9.73 24.44
C TRP A 216 12.48 -10.53 24.52
N ASP A 217 12.64 -11.29 25.60
CA ASP A 217 13.84 -12.07 25.87
C ASP A 217 14.59 -12.79 24.74
N ASN A 218 13.89 -13.46 23.84
CA ASN A 218 14.61 -14.18 22.78
C ASN A 218 14.46 -13.62 21.37
N GLU A 219 13.75 -12.52 21.20
CA GLU A 219 13.53 -11.98 19.86
C GLU A 219 14.76 -11.46 19.12
N LEU A 220 15.70 -10.84 19.82
CA LEU A 220 16.90 -10.32 19.15
C LEU A 220 17.67 -11.50 18.57
N GLN A 221 17.66 -12.61 19.30
CA GLN A 221 18.33 -13.82 18.87
C GLN A 221 17.65 -14.33 17.59
N TYR A 222 16.33 -14.31 17.59
CA TYR A 222 15.56 -14.75 16.45
C TYR A 222 15.91 -13.87 15.24
N VAL A 223 16.02 -12.56 15.49
CA VAL A 223 16.36 -11.61 14.44
C VAL A 223 17.73 -11.90 13.85
N ASP A 224 18.71 -12.24 14.69
CA ASP A 224 20.04 -12.53 14.19
C ASP A 224 20.01 -13.76 13.31
N GLN A 225 19.19 -14.74 13.68
CA GLN A 225 19.09 -15.97 12.91
C GLN A 225 18.60 -15.67 11.49
N LEU A 226 17.55 -14.87 11.37
CA LEU A 226 17.00 -14.56 10.04
C LEU A 226 17.90 -13.64 9.22
N LEU A 227 18.62 -12.74 9.89
CA LEU A 227 19.52 -11.85 9.17
C LEU A 227 20.64 -12.70 8.58
N LYS A 228 20.96 -13.79 9.27
CA LYS A 228 21.98 -14.74 8.82
C LYS A 228 21.48 -15.37 7.53
N GLU A 229 20.23 -15.84 7.56
CA GLU A 229 19.64 -16.46 6.39
C GLU A 229 19.55 -15.53 5.19
N ASP A 230 19.12 -14.29 5.41
CA ASP A 230 19.00 -13.33 4.33
C ASP A 230 19.21 -11.93 4.91
N VAL A 231 20.43 -11.45 4.80
CA VAL A 231 20.78 -10.14 5.34
C VAL A 231 20.03 -9.01 4.63
N ARG A 232 19.34 -9.36 3.55
CA ARG A 232 18.58 -8.37 2.79
C ARG A 232 17.10 -8.30 3.21
N ASN A 233 16.72 -9.07 4.22
CA ASN A 233 15.32 -9.07 4.65
C ASN A 233 14.97 -7.82 5.45
N ASN A 234 14.36 -6.85 4.77
CA ASN A 234 14.00 -5.59 5.39
C ASN A 234 13.05 -5.75 6.58
N SER A 235 12.23 -6.79 6.56
CA SER A 235 11.30 -7.05 7.66
C SER A 235 12.08 -7.39 8.94
N VAL A 236 13.18 -8.12 8.77
CA VAL A 236 13.99 -8.50 9.92
C VAL A 236 14.75 -7.30 10.46
N TRP A 237 15.18 -6.40 9.59
CA TRP A 237 15.87 -5.19 10.03
C TRP A 237 14.86 -4.33 10.79
N ASN A 238 13.62 -4.33 10.34
CA ASN A 238 12.59 -3.56 11.02
C ASN A 238 12.34 -4.17 12.39
N GLN A 239 12.34 -5.49 12.46
CA GLN A 239 12.10 -6.20 13.72
C GLN A 239 13.26 -5.96 14.70
N ARG A 240 14.47 -5.84 14.15
CA ARG A 240 15.64 -5.59 14.97
C ARG A 240 15.46 -4.23 15.65
N HIS A 241 15.02 -3.25 14.88
CA HIS A 241 14.82 -1.91 15.42
C HIS A 241 13.66 -1.91 16.40
N PHE A 242 12.70 -2.81 16.19
CA PHE A 242 11.53 -2.91 17.06
C PHE A 242 11.96 -3.42 18.43
N VAL A 243 12.73 -4.51 18.44
CA VAL A 243 13.20 -5.11 19.67
C VAL A 243 14.10 -4.17 20.49
N ILE A 244 15.12 -3.62 19.84
CA ILE A 244 16.05 -2.74 20.52
C ILE A 244 15.36 -1.48 21.06
N SER A 245 14.50 -0.87 20.25
CA SER A 245 13.78 0.34 20.68
C SER A 245 13.00 0.14 21.97
N ASN A 246 12.34 -1.01 22.07
CA ASN A 246 11.50 -1.30 23.24
C ASN A 246 12.19 -1.99 24.40
N THR A 247 13.49 -2.25 24.27
CA THR A 247 14.22 -2.89 25.35
C THR A 247 15.29 -1.94 25.92
N THR A 248 16.49 -1.94 25.33
CA THR A 248 17.56 -1.09 25.81
C THR A 248 17.42 0.33 25.28
N GLY A 249 16.94 0.44 24.05
CA GLY A 249 16.81 1.74 23.44
C GLY A 249 18.12 1.99 22.71
N TYR A 250 18.20 3.05 21.92
CA TYR A 250 19.43 3.34 21.20
C TYR A 250 20.28 4.44 21.87
N SER A 251 19.84 4.91 23.05
CA SER A 251 20.58 5.95 23.76
C SER A 251 21.83 5.42 24.42
N ASP A 252 21.74 4.22 24.97
CA ASP A 252 22.89 3.61 25.61
C ASP A 252 24.00 3.51 24.55
N ARG A 253 25.05 4.30 24.74
CA ARG A 253 26.15 4.34 23.80
C ARG A 253 26.75 2.98 23.47
N ALA A 254 26.76 2.06 24.43
CA ALA A 254 27.31 0.74 24.15
C ALA A 254 26.43 0.04 23.11
N VAL A 255 25.12 0.21 23.21
CA VAL A 255 24.20 -0.40 22.27
C VAL A 255 24.31 0.23 20.89
N LEU A 256 24.23 1.56 20.83
CA LEU A 256 24.35 2.26 19.56
C LEU A 256 25.67 1.91 18.86
N GLU A 257 26.74 1.83 19.63
CA GLU A 257 28.05 1.49 19.07
C GLU A 257 28.01 0.11 18.46
N ARG A 258 27.48 -0.84 19.22
CA ARG A 258 27.35 -2.23 18.78
C ARG A 258 26.59 -2.34 17.47
N GLU A 259 25.46 -1.65 17.39
CA GLU A 259 24.62 -1.69 16.20
C GLU A 259 25.29 -1.11 14.96
N VAL A 260 25.94 0.04 15.13
CA VAL A 260 26.61 0.68 14.01
C VAL A 260 27.77 -0.19 13.51
N GLN A 261 28.50 -0.82 14.42
CA GLN A 261 29.61 -1.68 14.03
C GLN A 261 29.06 -2.85 13.23
N TYR A 262 28.01 -3.48 13.76
CA TYR A 262 27.37 -4.60 13.11
C TYR A 262 26.92 -4.27 11.70
N THR A 263 26.29 -3.10 11.55
CA THR A 263 25.78 -2.66 10.26
C THR A 263 26.89 -2.36 9.25
N LEU A 264 27.90 -1.61 9.68
CA LEU A 264 29.00 -1.30 8.77
C LEU A 264 29.64 -2.62 8.35
N GLU A 265 29.66 -3.58 9.26
CA GLU A 265 30.23 -4.89 8.94
C GLU A 265 29.38 -5.60 7.89
N MET A 266 28.06 -5.44 7.99
CA MET A 266 27.15 -6.06 7.04
C MET A 266 27.25 -5.34 5.71
N ILE A 267 27.46 -4.02 5.77
CA ILE A 267 27.59 -3.23 4.58
C ILE A 267 28.85 -3.64 3.80
N LYS A 268 29.90 -4.00 4.52
CA LYS A 268 31.14 -4.41 3.87
C LYS A 268 30.96 -5.72 3.12
N LEU A 269 30.23 -6.65 3.74
CA LEU A 269 29.99 -7.95 3.12
C LEU A 269 29.05 -7.88 1.91
N VAL A 270 28.09 -6.95 1.96
CA VAL A 270 27.12 -6.77 0.87
C VAL A 270 26.87 -5.28 0.69
N PRO A 271 27.86 -4.56 0.11
CA PRO A 271 27.76 -3.12 -0.13
C PRO A 271 26.54 -2.58 -0.86
N HIS A 272 25.87 -3.41 -1.65
CA HIS A 272 24.70 -2.93 -2.38
C HIS A 272 23.35 -3.30 -1.72
N ASN A 273 23.41 -3.82 -0.50
CA ASN A 273 22.19 -4.18 0.22
C ASN A 273 21.60 -2.91 0.87
N GLU A 274 20.56 -2.37 0.25
CA GLU A 274 19.93 -1.15 0.74
C GLU A 274 19.39 -1.19 2.17
N SER A 275 19.06 -2.37 2.68
CA SER A 275 18.52 -2.44 4.04
C SER A 275 19.50 -2.02 5.14
N ALA A 276 20.75 -2.47 5.03
CA ALA A 276 21.78 -2.14 6.00
C ALA A 276 21.98 -0.63 6.02
N TRP A 277 22.00 -0.04 4.82
CA TRP A 277 22.19 1.40 4.70
C TRP A 277 21.05 2.20 5.32
N ASN A 278 19.81 1.76 5.09
CA ASN A 278 18.66 2.45 5.66
C ASN A 278 18.63 2.32 7.17
N TYR A 279 19.10 1.18 7.68
CA TYR A 279 19.14 0.97 9.12
C TYR A 279 20.19 1.87 9.74
N LEU A 280 21.37 1.94 9.12
CA LEU A 280 22.45 2.78 9.60
C LEU A 280 21.97 4.22 9.70
N LYS A 281 21.34 4.70 8.65
CA LYS A 281 20.83 6.06 8.62
C LYS A 281 19.68 6.24 9.60
N GLY A 282 18.82 5.23 9.68
CA GLY A 282 17.68 5.31 10.59
C GLY A 282 18.02 5.43 12.06
N ILE A 283 19.08 4.78 12.50
CA ILE A 283 19.46 4.83 13.92
C ILE A 283 20.39 5.98 14.30
N LEU A 284 20.78 6.80 13.34
CA LEU A 284 21.68 7.92 13.61
C LEU A 284 21.10 9.27 13.21
N GLN A 285 20.16 9.26 12.28
CA GLN A 285 19.57 10.49 11.78
C GLN A 285 18.81 11.33 12.81
N ASP A 286 18.29 10.70 13.86
CA ASP A 286 17.55 11.45 14.87
C ASP A 286 18.43 12.35 15.71
N ARG A 287 19.60 11.85 16.08
CA ARG A 287 20.53 12.64 16.87
C ARG A 287 21.31 13.60 15.97
N GLY A 288 21.25 13.35 14.66
CA GLY A 288 21.94 14.19 13.71
C GLY A 288 23.22 13.51 13.26
N LEU A 289 23.35 13.27 11.96
CA LEU A 289 24.54 12.60 11.42
C LEU A 289 25.85 13.32 11.75
N SER A 290 25.81 14.65 11.74
CA SER A 290 27.01 15.43 12.02
C SER A 290 27.52 15.22 13.45
N ARG A 291 26.66 14.71 14.32
CA ARG A 291 27.03 14.46 15.71
C ARG A 291 28.12 13.38 15.78
N TYR A 292 28.30 12.65 14.69
CA TYR A 292 29.30 11.58 14.65
C TYR A 292 30.36 11.82 13.57
N PRO A 293 31.37 12.66 13.90
CA PRO A 293 32.49 13.04 13.04
C PRO A 293 33.28 11.92 12.34
N ASN A 294 33.45 10.78 13.00
CA ASN A 294 34.22 9.68 12.39
C ASN A 294 33.47 8.93 11.31
N LEU A 295 32.14 9.03 11.32
CA LEU A 295 31.33 8.33 10.33
C LEU A 295 31.73 8.71 8.90
N LEU A 296 31.74 10.01 8.63
CA LEU A 296 32.10 10.53 7.31
C LEU A 296 33.41 9.93 6.83
N ASN A 297 34.48 10.14 7.61
CA ASN A 297 35.79 9.64 7.24
C ASN A 297 35.72 8.16 6.90
N GLN A 298 35.19 7.37 7.83
CA GLN A 298 35.09 5.93 7.63
C GLN A 298 34.32 5.52 6.38
N LEU A 299 33.33 6.32 5.99
CA LEU A 299 32.56 6.01 4.80
C LEU A 299 33.38 6.30 3.55
N LEU A 300 34.14 7.38 3.59
CA LEU A 300 34.99 7.76 2.48
C LEU A 300 36.05 6.70 2.25
N ASP A 301 36.35 5.92 3.29
CA ASP A 301 37.35 4.86 3.18
C ASP A 301 36.80 3.65 2.43
N LEU A 302 35.48 3.53 2.39
CA LEU A 302 34.86 2.42 1.69
C LEU A 302 34.63 2.78 0.23
N GLN A 303 34.84 4.06 -0.09
CA GLN A 303 34.68 4.57 -1.45
C GLN A 303 35.33 3.67 -2.49
N PRO A 304 36.63 3.36 -2.32
CA PRO A 304 37.35 2.50 -3.26
C PRO A 304 36.66 1.18 -3.62
N SER A 305 36.79 0.20 -2.73
CA SER A 305 36.23 -1.13 -2.96
C SER A 305 34.80 -1.43 -2.52
N HIS A 306 34.08 -0.44 -2.00
CA HIS A 306 32.70 -0.69 -1.56
C HIS A 306 31.70 0.41 -1.96
N SER A 307 32.01 1.13 -3.03
CA SER A 307 31.13 2.20 -3.47
C SER A 307 29.77 1.70 -3.98
N SER A 308 28.80 2.61 -4.02
CA SER A 308 27.45 2.32 -4.48
C SER A 308 26.70 3.63 -4.43
N PRO A 309 25.56 3.72 -5.13
CA PRO A 309 24.84 5.00 -5.06
C PRO A 309 24.35 5.22 -3.63
N TYR A 310 24.33 4.14 -2.84
CA TYR A 310 23.91 4.19 -1.46
C TYR A 310 24.92 4.91 -0.57
N LEU A 311 26.20 4.62 -0.79
CA LEU A 311 27.27 5.26 -0.01
C LEU A 311 27.35 6.73 -0.40
N ILE A 312 27.23 7.01 -1.70
CA ILE A 312 27.30 8.37 -2.19
C ILE A 312 26.14 9.17 -1.62
N ALA A 313 24.99 8.54 -1.54
CA ALA A 313 23.79 9.19 -1.02
C ALA A 313 23.94 9.52 0.46
N PHE A 314 24.52 8.59 1.20
CA PHE A 314 24.73 8.78 2.64
C PHE A 314 25.64 9.98 2.83
N LEU A 315 26.72 10.03 2.04
CA LEU A 315 27.68 11.14 2.13
C LEU A 315 26.95 12.46 1.99
N VAL A 316 25.98 12.52 1.09
CA VAL A 316 25.21 13.74 0.88
C VAL A 316 24.38 14.06 2.13
N ASP A 317 23.84 13.02 2.77
CA ASP A 317 23.04 13.24 3.98
C ASP A 317 23.91 13.79 5.11
N ILE A 318 25.13 13.26 5.22
CA ILE A 318 26.06 13.73 6.24
C ILE A 318 26.40 15.20 5.98
N TYR A 319 26.77 15.51 4.73
CA TYR A 319 27.10 16.88 4.35
C TYR A 319 25.93 17.81 4.64
N GLU A 320 24.74 17.34 4.32
CA GLU A 320 23.51 18.11 4.52
C GLU A 320 23.30 18.50 5.99
N ASP A 321 23.53 17.56 6.89
CA ASP A 321 23.34 17.83 8.32
C ASP A 321 24.46 18.73 8.84
N MET A 322 25.66 18.55 8.28
CA MET A 322 26.80 19.37 8.67
C MET A 322 26.50 20.82 8.35
N LEU A 323 25.99 21.06 7.14
CA LEU A 323 25.65 22.41 6.71
C LEU A 323 24.47 22.94 7.51
N GLU A 324 23.71 22.03 8.13
CA GLU A 324 22.55 22.40 8.92
C GLU A 324 22.97 22.78 10.34
N ASN A 325 24.14 22.31 10.75
CA ASN A 325 24.67 22.61 12.07
C ASN A 325 25.93 23.43 11.90
N GLN A 326 25.89 24.34 10.93
CA GLN A 326 26.99 25.24 10.60
C GLN A 326 28.36 24.69 11.00
N CYS A 327 28.89 23.85 10.12
CA CYS A 327 30.19 23.20 10.29
C CYS A 327 31.28 24.12 9.77
N ASP A 328 32.53 23.68 9.93
CA ASP A 328 33.66 24.45 9.44
C ASP A 328 33.71 24.27 7.92
N ASN A 329 34.34 25.21 7.22
CA ASN A 329 34.44 25.12 5.77
C ASN A 329 33.04 24.99 5.17
N LYS A 330 32.13 25.88 5.59
CA LYS A 330 30.76 25.87 5.10
C LYS A 330 30.71 25.61 3.59
N GLU A 331 31.42 26.45 2.83
CA GLU A 331 31.45 26.36 1.39
C GLU A 331 32.10 25.10 0.82
N ASP A 332 33.20 24.66 1.42
CA ASP A 332 33.88 23.47 0.93
C ASP A 332 32.97 22.25 0.96
N ILE A 333 32.19 22.12 2.02
CA ILE A 333 31.26 21.01 2.21
C ILE A 333 30.11 21.06 1.20
N LEU A 334 29.58 22.25 0.97
CA LEU A 334 28.49 22.44 0.03
C LEU A 334 28.87 21.92 -1.35
N ASN A 335 29.99 22.39 -1.89
CA ASN A 335 30.43 21.97 -3.21
C ASN A 335 30.65 20.47 -3.29
N LYS A 336 31.18 19.89 -2.21
CA LYS A 336 31.40 18.45 -2.18
C LYS A 336 30.04 17.78 -2.37
N ALA A 337 29.02 18.35 -1.73
CA ALA A 337 27.65 17.83 -1.78
C ALA A 337 27.01 17.99 -3.15
N LEU A 338 27.12 19.20 -3.73
CA LEU A 338 26.54 19.45 -5.03
C LEU A 338 27.21 18.60 -6.11
N GLU A 339 28.49 18.30 -5.91
CA GLU A 339 29.22 17.47 -6.85
C GLU A 339 28.62 16.07 -6.84
N LEU A 340 28.39 15.54 -5.64
CA LEU A 340 27.81 14.22 -5.49
C LEU A 340 26.37 14.19 -6.01
N CYS A 341 25.59 15.22 -5.68
CA CYS A 341 24.21 15.28 -6.14
C CYS A 341 24.14 15.21 -7.66
N GLU A 342 25.11 15.85 -8.31
CA GLU A 342 25.15 15.86 -9.77
C GLU A 342 25.57 14.50 -10.30
N ILE A 343 26.59 13.91 -9.68
CA ILE A 343 27.06 12.59 -10.09
C ILE A 343 25.91 11.58 -10.02
N LEU A 344 25.13 11.67 -8.95
CA LEU A 344 24.00 10.78 -8.73
C LEU A 344 22.90 11.00 -9.80
N ALA A 345 22.53 12.25 -10.01
CA ALA A 345 21.49 12.61 -10.97
C ALA A 345 21.87 12.35 -12.42
N LYS A 346 23.15 12.49 -12.74
CA LYS A 346 23.63 12.31 -14.11
C LYS A 346 24.20 10.94 -14.43
N GLU A 347 24.82 10.30 -13.44
CA GLU A 347 25.44 9.01 -13.69
C GLU A 347 25.10 7.86 -12.76
N LYS A 348 25.44 8.01 -11.48
CA LYS A 348 25.24 6.98 -10.46
C LYS A 348 23.82 6.56 -10.05
N ASP A 349 22.86 7.47 -10.13
CA ASP A 349 21.50 7.15 -9.71
C ASP A 349 20.48 8.01 -10.45
N THR A 350 20.47 7.90 -11.78
CA THR A 350 19.56 8.70 -12.61
C THR A 350 18.07 8.47 -12.43
N ILE A 351 17.67 7.28 -11.96
CA ILE A 351 16.25 7.02 -11.77
C ILE A 351 15.68 8.06 -10.80
N ARG A 352 16.56 8.56 -9.93
CA ARG A 352 16.18 9.58 -8.95
C ARG A 352 16.70 10.98 -9.30
N LYS A 353 16.93 11.23 -10.58
CA LYS A 353 17.45 12.53 -11.03
C LYS A 353 16.63 13.71 -10.51
N GLU A 354 15.31 13.61 -10.55
CA GLU A 354 14.44 14.70 -10.08
C GLU A 354 14.60 14.95 -8.59
N TYR A 355 14.91 13.91 -7.84
CA TYR A 355 15.08 14.06 -6.40
C TYR A 355 16.44 14.68 -6.09
N TRP A 356 17.48 14.11 -6.70
CA TRP A 356 18.83 14.60 -6.50
C TRP A 356 19.01 16.05 -6.95
N ARG A 357 18.35 16.45 -8.03
CA ARG A 357 18.46 17.82 -8.48
C ARG A 357 17.73 18.73 -7.48
N TYR A 358 16.69 18.19 -6.85
CA TYR A 358 15.94 18.93 -5.85
C TYR A 358 16.82 19.18 -4.63
N ILE A 359 17.51 18.14 -4.18
CA ILE A 359 18.40 18.25 -3.02
C ILE A 359 19.50 19.25 -3.34
N GLY A 360 20.11 19.08 -4.53
CA GLY A 360 21.16 19.99 -4.95
C GLY A 360 20.68 21.42 -4.87
N ARG A 361 19.46 21.66 -5.37
CA ARG A 361 18.88 22.99 -5.36
C ARG A 361 18.60 23.47 -3.94
N SER A 362 18.03 22.60 -3.11
CA SER A 362 17.73 22.93 -1.72
C SER A 362 18.97 23.36 -0.95
N LEU A 363 20.05 22.60 -1.13
CA LEU A 363 21.31 22.89 -0.45
C LEU A 363 21.83 24.24 -0.93
N GLN A 364 21.83 24.44 -2.24
CA GLN A 364 22.28 25.69 -2.84
C GLN A 364 21.47 26.84 -2.26
N SER A 365 20.15 26.68 -2.25
CA SER A 365 19.24 27.70 -1.75
C SER A 365 19.54 28.22 -0.34
N LYS A 366 19.93 27.34 0.57
CA LYS A 366 20.19 27.80 1.92
C LYS A 366 21.60 27.67 2.47
N HIS A 367 22.56 27.27 1.64
CA HIS A 367 23.93 27.13 2.13
C HIS A 367 25.04 27.79 1.32
N SER A 368 24.72 28.36 0.16
CA SER A 368 25.73 29.02 -0.66
C SER A 368 26.25 30.25 0.10
N ARG A 369 27.48 30.65 -0.16
CA ARG A 369 28.05 31.80 0.55
C ARG A 369 27.18 33.06 0.43
N GLU A 370 26.38 33.11 -0.64
CA GLU A 370 25.51 34.24 -0.90
C GLU A 370 24.09 34.04 -0.34
N SER A 371 23.86 32.91 0.31
CA SER A 371 22.56 32.58 0.86
C SER A 371 22.07 33.52 1.96
N ASP A 372 22.98 34.02 2.80
CA ASP A 372 22.60 34.93 3.88
C ASP A 372 22.93 36.38 3.54
N ILE A 373 23.50 36.60 2.35
CA ILE A 373 23.89 37.94 1.92
C ILE A 373 22.70 38.75 1.37
N PRO A 374 22.52 39.98 1.88
CA PRO A 374 21.41 40.85 1.44
C PRO A 374 21.45 41.09 -0.08
N ALA A 375 20.27 41.30 -0.67
CA ALA A 375 20.14 41.53 -2.11
C ALA A 375 20.93 42.72 -2.64
N SER A 376 21.00 43.79 -1.84
CA SER A 376 21.71 45.00 -2.22
C SER A 376 23.24 44.85 -2.31
N VAL A 377 23.80 43.94 -1.53
CA VAL A 377 25.25 43.70 -1.53
C VAL A 377 25.74 43.32 -2.92
N PRO B 17 20.11 12.76 -32.16
CA PRO B 17 20.98 11.86 -32.99
C PRO B 17 20.25 10.63 -33.48
N VAL B 18 20.79 10.00 -34.52
CA VAL B 18 20.18 8.79 -35.10
C VAL B 18 20.47 7.56 -34.26
N TRP B 19 21.58 7.59 -33.53
CA TRP B 19 21.97 6.48 -32.67
C TRP B 19 21.29 6.56 -31.31
N SER B 20 20.76 7.73 -30.98
CA SER B 20 20.09 7.95 -29.70
C SER B 20 18.75 7.23 -29.56
N GLU B 21 18.59 6.53 -28.44
CA GLU B 21 17.36 5.80 -28.14
C GLU B 21 16.47 6.65 -27.24
N PRO B 22 15.27 7.04 -27.73
CA PRO B 22 14.34 7.87 -26.97
C PRO B 22 13.79 7.21 -25.70
N LEU B 23 13.68 5.89 -25.72
CA LEU B 23 13.18 5.16 -24.55
C LEU B 23 14.29 4.88 -23.54
N TYR B 24 14.12 5.45 -22.35
CA TYR B 24 15.05 5.33 -21.24
C TYR B 24 15.45 3.90 -20.92
N SER B 25 14.47 2.99 -20.88
CA SER B 25 14.74 1.60 -20.56
C SER B 25 15.49 0.81 -21.63
N LEU B 26 15.57 1.35 -22.85
CA LEU B 26 16.25 0.64 -23.93
C LEU B 26 17.66 1.18 -24.23
N ARG B 27 18.06 2.25 -23.55
CA ARG B 27 19.39 2.81 -23.76
C ARG B 27 20.45 1.85 -23.24
N PRO B 28 21.63 1.86 -23.88
CA PRO B 28 22.76 1.00 -23.50
C PRO B 28 23.23 1.14 -22.05
N GLU B 29 23.23 2.37 -21.54
CA GLU B 29 23.66 2.63 -20.16
C GLU B 29 22.73 1.92 -19.18
N HIS B 30 21.46 1.81 -19.58
CA HIS B 30 20.47 1.17 -18.74
C HIS B 30 20.92 -0.19 -18.25
N ALA B 31 21.75 -0.86 -19.05
CA ALA B 31 22.22 -2.19 -18.68
C ALA B 31 22.98 -2.16 -17.37
N ARG B 32 23.56 -1.00 -17.05
CA ARG B 32 24.32 -0.83 -15.82
C ARG B 32 23.41 -0.82 -14.58
N GLU B 33 22.12 -0.66 -14.79
CA GLU B 33 21.15 -0.62 -13.70
C GLU B 33 20.77 -2.00 -13.18
N ARG B 34 21.29 -3.05 -13.82
CA ARG B 34 20.98 -4.41 -13.37
C ARG B 34 21.52 -4.61 -11.96
N LEU B 35 20.90 -5.52 -11.22
CA LEU B 35 21.28 -5.81 -9.85
C LEU B 35 22.70 -6.29 -9.64
N GLN B 36 23.36 -5.74 -8.63
CA GLN B 36 24.71 -6.13 -8.26
C GLN B 36 24.54 -6.86 -6.92
N ASP B 37 24.68 -8.18 -6.96
CA ASP B 37 24.51 -9.00 -5.77
C ASP B 37 25.78 -9.21 -4.94
N ASP B 38 26.85 -8.49 -5.27
CA ASP B 38 28.12 -8.60 -4.55
C ASP B 38 28.53 -10.05 -4.33
N SER B 39 28.14 -10.93 -5.24
CA SER B 39 28.45 -12.36 -5.14
C SER B 39 27.97 -12.97 -3.84
N VAL B 40 26.96 -12.35 -3.25
CA VAL B 40 26.36 -12.84 -2.02
C VAL B 40 24.90 -13.07 -2.38
N GLU B 41 24.54 -14.33 -2.58
CA GLU B 41 23.16 -14.67 -2.95
C GLU B 41 22.29 -15.01 -1.76
N THR B 42 21.07 -14.47 -1.78
CA THR B 42 20.08 -14.72 -0.74
C THR B 42 18.76 -14.79 -1.47
N VAL B 43 17.72 -15.27 -0.78
CA VAL B 43 16.41 -15.38 -1.37
C VAL B 43 16.01 -14.06 -2.03
N THR B 44 16.34 -12.95 -1.39
CA THR B 44 16.02 -11.64 -1.94
C THR B 44 16.68 -11.31 -3.27
N SER B 45 18.00 -11.42 -3.35
CA SER B 45 18.69 -11.10 -4.60
C SER B 45 18.27 -12.06 -5.71
N ILE B 46 18.09 -13.33 -5.37
CA ILE B 46 17.66 -14.32 -6.34
C ILE B 46 16.31 -13.95 -6.96
N GLU B 47 15.34 -13.58 -6.13
CA GLU B 47 14.02 -13.20 -6.64
C GLU B 47 14.07 -11.92 -7.44
N GLN B 48 14.95 -11.02 -7.06
CA GLN B 48 15.09 -9.75 -7.76
C GLN B 48 15.70 -9.99 -9.13
N ALA B 49 16.67 -10.91 -9.20
CA ALA B 49 17.34 -11.22 -10.45
C ALA B 49 16.36 -11.82 -11.46
N LYS B 50 15.49 -12.69 -10.97
CA LYS B 50 14.49 -13.34 -11.83
C LYS B 50 13.59 -12.31 -12.50
N VAL B 51 13.11 -11.33 -11.73
CA VAL B 51 12.24 -10.30 -12.28
C VAL B 51 12.96 -9.47 -13.34
N GLU B 52 14.16 -9.02 -13.02
CA GLU B 52 14.94 -8.20 -13.94
C GLU B 52 15.24 -8.94 -15.23
N GLU B 53 15.46 -10.24 -15.14
CA GLU B 53 15.76 -11.01 -16.33
C GLU B 53 14.52 -11.03 -17.22
N LYS B 54 13.36 -11.22 -16.60
CA LYS B 54 12.10 -11.26 -17.35
C LYS B 54 11.80 -9.88 -17.94
N ILE B 55 12.08 -8.83 -17.17
CA ILE B 55 11.82 -7.47 -17.64
C ILE B 55 12.79 -7.09 -18.77
N GLN B 56 14.02 -7.58 -18.69
CA GLN B 56 15.01 -7.29 -19.72
C GLN B 56 14.54 -7.87 -21.05
N GLU B 57 13.98 -9.07 -20.99
CA GLU B 57 13.45 -9.72 -22.20
C GLU B 57 12.42 -8.82 -22.85
N VAL B 58 11.51 -8.27 -22.06
CA VAL B 58 10.48 -7.39 -22.60
C VAL B 58 11.13 -6.20 -23.30
N PHE B 59 12.07 -5.55 -22.61
CA PHE B 59 12.77 -4.39 -23.16
C PHE B 59 13.48 -4.75 -24.47
N SER B 60 14.19 -5.87 -24.48
CA SER B 60 14.94 -6.33 -25.66
C SER B 60 14.10 -6.90 -26.80
N SER B 61 12.84 -7.24 -26.53
CA SER B 61 11.96 -7.82 -27.55
C SER B 61 11.96 -7.11 -28.90
N TYR B 62 11.93 -5.78 -28.88
CA TYR B 62 11.90 -5.00 -30.13
C TYR B 62 13.19 -5.21 -30.92
N LYS B 63 14.32 -5.08 -30.23
CA LYS B 63 15.64 -5.25 -30.81
C LYS B 63 15.79 -6.64 -31.43
N PHE B 64 15.47 -7.67 -30.64
CA PHE B 64 15.61 -9.04 -31.11
C PHE B 64 14.64 -9.39 -32.24
N ASN B 65 13.52 -8.66 -32.33
CA ASN B 65 12.54 -8.88 -33.38
C ASN B 65 12.77 -7.96 -34.58
N HIS B 66 13.74 -7.05 -34.44
CA HIS B 66 14.10 -6.11 -35.49
C HIS B 66 12.93 -5.22 -35.87
N LEU B 67 12.28 -4.66 -34.85
CA LEU B 67 11.15 -3.78 -35.03
C LEU B 67 11.40 -2.49 -34.25
N VAL B 68 10.85 -1.39 -34.73
CA VAL B 68 11.01 -0.13 -34.04
C VAL B 68 9.95 -0.11 -32.93
N PRO B 69 10.37 0.19 -31.69
CA PRO B 69 9.46 0.24 -30.53
C PRO B 69 8.34 1.26 -30.68
N ARG B 70 7.17 0.91 -30.15
CA ARG B 70 6.01 1.79 -30.17
C ARG B 70 5.18 1.50 -28.92
N LEU B 71 5.12 2.47 -28.02
CA LEU B 71 4.37 2.31 -26.78
C LEU B 71 2.94 2.78 -26.96
N VAL B 72 2.02 1.82 -27.08
CA VAL B 72 0.60 2.09 -27.27
C VAL B 72 -0.24 1.58 -26.11
N LEU B 73 -1.06 2.46 -25.54
CA LEU B 73 -1.96 2.03 -24.47
C LEU B 73 -3.13 1.38 -25.20
N GLN B 74 -3.36 0.09 -24.94
CA GLN B 74 -4.44 -0.63 -25.62
C GLN B 74 -5.85 -0.24 -25.15
N ARG B 75 -6.22 1.02 -25.32
CA ARG B 75 -7.52 1.54 -24.92
C ARG B 75 -8.70 0.65 -25.28
N GLU B 76 -8.80 0.30 -26.56
CA GLU B 76 -9.88 -0.54 -27.05
C GLU B 76 -10.04 -1.80 -26.20
N LYS B 77 -8.94 -2.54 -26.05
CA LYS B 77 -8.97 -3.76 -25.26
C LYS B 77 -9.34 -3.55 -23.80
N HIS B 78 -8.74 -2.55 -23.15
CA HIS B 78 -9.03 -2.28 -21.74
C HIS B 78 -10.50 -1.91 -21.58
N PHE B 79 -11.03 -1.14 -22.51
CA PHE B 79 -12.43 -0.74 -22.47
C PHE B 79 -13.38 -1.94 -22.49
N HIS B 80 -13.16 -2.88 -23.40
CA HIS B 80 -14.02 -4.06 -23.49
C HIS B 80 -13.96 -4.84 -22.19
N TYR B 81 -12.75 -5.01 -21.67
CA TYR B 81 -12.52 -5.72 -20.42
C TYR B 81 -13.31 -5.09 -19.27
N LEU B 82 -13.23 -3.76 -19.16
CA LEU B 82 -13.93 -3.03 -18.11
C LEU B 82 -15.44 -3.00 -18.31
N LYS B 83 -15.86 -2.63 -19.51
CA LYS B 83 -17.27 -2.57 -19.88
C LYS B 83 -18.00 -3.85 -19.47
N ARG B 84 -17.41 -5.00 -19.76
CA ARG B 84 -18.03 -6.27 -19.42
C ARG B 84 -17.97 -6.55 -17.91
N GLY B 85 -16.80 -6.37 -17.32
CA GLY B 85 -16.65 -6.60 -15.89
C GLY B 85 -17.63 -5.80 -15.04
N LEU B 86 -17.94 -4.59 -15.46
CA LEU B 86 -18.86 -3.74 -14.71
C LEU B 86 -20.22 -4.38 -14.57
N ARG B 87 -20.50 -5.32 -15.45
CA ARG B 87 -21.79 -6.01 -15.43
C ARG B 87 -21.74 -7.43 -14.93
N GLN B 88 -20.72 -8.15 -15.33
CA GLN B 88 -20.64 -9.56 -14.95
C GLN B 88 -19.21 -10.08 -14.80
N LEU B 89 -18.98 -10.92 -13.80
CA LEU B 89 -17.66 -11.48 -13.54
C LEU B 89 -17.73 -12.99 -13.41
N THR B 90 -16.64 -13.67 -13.77
CA THR B 90 -16.56 -15.12 -13.66
C THR B 90 -16.38 -15.52 -12.19
N ASP B 91 -16.40 -16.83 -11.92
CA ASP B 91 -16.25 -17.28 -10.55
C ASP B 91 -14.84 -17.03 -10.03
N ALA B 92 -14.00 -16.47 -10.89
CA ALA B 92 -12.64 -16.16 -10.48
C ALA B 92 -12.70 -15.03 -9.45
N TYR B 93 -13.82 -14.29 -9.46
CA TYR B 93 -13.98 -13.20 -8.51
C TYR B 93 -14.75 -13.58 -7.26
N GLU B 94 -14.86 -14.88 -7.01
CA GLU B 94 -15.55 -15.34 -5.80
C GLU B 94 -14.76 -14.83 -4.58
N CYS B 95 -13.45 -14.66 -4.74
CA CYS B 95 -12.60 -14.17 -3.65
C CYS B 95 -12.85 -12.71 -3.32
N LEU B 96 -13.63 -12.03 -4.16
CA LEU B 96 -13.94 -10.63 -3.95
C LEU B 96 -15.44 -10.43 -3.74
N ASP B 97 -16.13 -11.50 -3.36
CA ASP B 97 -17.56 -11.45 -3.11
C ASP B 97 -17.90 -10.51 -1.93
N ALA B 98 -16.90 -10.23 -1.09
CA ALA B 98 -17.12 -9.34 0.04
C ALA B 98 -16.48 -7.98 -0.23
N SER B 99 -16.25 -7.69 -1.51
CA SER B 99 -15.64 -6.42 -1.91
C SER B 99 -16.25 -5.91 -3.21
N ARG B 100 -17.53 -6.15 -3.42
CA ARG B 100 -18.12 -5.71 -4.67
C ARG B 100 -18.13 -4.19 -4.87
N PRO B 101 -18.23 -3.40 -3.79
CA PRO B 101 -18.21 -1.96 -4.03
C PRO B 101 -16.85 -1.56 -4.60
N TRP B 102 -15.82 -2.34 -4.30
CA TRP B 102 -14.48 -2.06 -4.83
C TRP B 102 -14.46 -2.33 -6.33
N LEU B 103 -15.15 -3.39 -6.75
CA LEU B 103 -15.20 -3.73 -8.17
C LEU B 103 -15.87 -2.57 -8.90
N CYS B 104 -16.91 -2.01 -8.30
CA CYS B 104 -17.59 -0.88 -8.91
C CYS B 104 -16.61 0.26 -9.06
N TYR B 105 -15.94 0.61 -7.96
CA TYR B 105 -14.98 1.70 -7.95
C TYR B 105 -13.80 1.50 -8.91
N TRP B 106 -13.12 0.36 -8.81
CA TRP B 106 -11.97 0.11 -9.67
C TRP B 106 -12.32 0.27 -11.14
N ILE B 107 -13.42 -0.37 -11.55
CA ILE B 107 -13.86 -0.34 -12.94
C ILE B 107 -14.31 1.05 -13.37
N LEU B 108 -15.20 1.66 -12.59
CA LEU B 108 -15.68 3.00 -12.92
C LEU B 108 -14.55 4.01 -13.05
N HIS B 109 -13.56 3.93 -12.15
CA HIS B 109 -12.42 4.85 -12.18
C HIS B 109 -11.54 4.58 -13.41
N SER B 110 -11.38 3.32 -13.78
CA SER B 110 -10.57 2.98 -14.95
C SER B 110 -11.24 3.57 -16.19
N LEU B 111 -12.57 3.44 -16.28
CA LEU B 111 -13.32 3.98 -17.40
C LEU B 111 -13.17 5.49 -17.43
N GLU B 112 -13.19 6.09 -16.24
CA GLU B 112 -13.04 7.54 -16.08
C GLU B 112 -11.68 7.99 -16.62
N LEU B 113 -10.62 7.29 -16.21
CA LEU B 113 -9.27 7.62 -16.65
C LEU B 113 -9.14 7.48 -18.17
N LEU B 114 -9.78 6.45 -18.71
CA LEU B 114 -9.75 6.18 -20.15
C LEU B 114 -10.73 7.09 -20.88
N ASP B 115 -11.35 7.99 -20.13
CA ASP B 115 -12.30 8.93 -20.69
C ASP B 115 -13.44 8.25 -21.45
N GLU B 116 -14.02 7.21 -20.84
CA GLU B 116 -15.14 6.49 -21.42
C GLU B 116 -16.39 6.88 -20.64
N PRO B 117 -17.45 7.30 -21.33
CA PRO B 117 -18.70 7.72 -20.67
C PRO B 117 -19.41 6.62 -19.90
N ILE B 118 -20.06 7.02 -18.81
CA ILE B 118 -20.81 6.07 -17.99
C ILE B 118 -22.28 6.24 -18.32
N PRO B 119 -22.84 5.32 -19.12
CA PRO B 119 -24.25 5.39 -19.52
C PRO B 119 -25.14 5.53 -18.29
N GLN B 120 -26.12 6.43 -18.35
CA GLN B 120 -27.03 6.64 -17.23
C GLN B 120 -27.77 5.37 -16.81
N ILE B 121 -27.85 4.38 -17.69
CA ILE B 121 -28.50 3.11 -17.35
C ILE B 121 -27.59 2.45 -16.32
N VAL B 122 -26.30 2.48 -16.62
CA VAL B 122 -25.27 1.90 -15.75
C VAL B 122 -25.24 2.65 -14.43
N ALA B 123 -25.06 3.96 -14.51
CA ALA B 123 -25.00 4.81 -13.32
C ALA B 123 -26.13 4.50 -12.33
N THR B 124 -27.36 4.51 -12.81
CA THR B 124 -28.50 4.23 -11.95
C THR B 124 -28.47 2.81 -11.38
N ASP B 125 -28.02 1.84 -12.17
CA ASP B 125 -27.94 0.47 -11.68
C ASP B 125 -26.83 0.33 -10.63
N VAL B 126 -25.77 1.11 -10.76
CA VAL B 126 -24.69 1.08 -9.78
C VAL B 126 -25.24 1.66 -8.48
N CYS B 127 -25.92 2.81 -8.59
CA CYS B 127 -26.51 3.46 -7.43
C CYS B 127 -27.43 2.53 -6.65
N GLN B 128 -28.31 1.83 -7.36
CA GLN B 128 -29.24 0.90 -6.74
C GLN B 128 -28.53 -0.25 -6.05
N PHE B 129 -27.47 -0.73 -6.67
CA PHE B 129 -26.73 -1.83 -6.07
C PHE B 129 -26.00 -1.38 -4.80
N LEU B 130 -25.35 -0.23 -4.85
CA LEU B 130 -24.64 0.27 -3.68
C LEU B 130 -25.62 0.57 -2.56
N GLU B 131 -26.83 0.92 -2.94
CA GLU B 131 -27.87 1.21 -1.96
C GLU B 131 -28.19 -0.07 -1.19
N LEU B 132 -28.20 -1.19 -1.90
CA LEU B 132 -28.47 -2.48 -1.28
C LEU B 132 -27.32 -2.88 -0.38
N CYS B 133 -26.12 -2.37 -0.68
CA CYS B 133 -24.93 -2.67 0.11
C CYS B 133 -24.84 -1.82 1.36
N GLN B 134 -25.61 -0.73 1.40
CA GLN B 134 -25.57 0.17 2.55
C GLN B 134 -26.22 -0.45 3.77
N SER B 135 -25.59 -0.29 4.92
CA SER B 135 -26.09 -0.84 6.17
C SER B 135 -27.10 0.07 6.86
N PRO B 136 -28.07 -0.51 7.56
CA PRO B 136 -29.09 0.29 8.27
C PRO B 136 -28.40 1.11 9.35
N ASP B 137 -27.29 0.57 9.86
CA ASP B 137 -26.50 1.21 10.90
C ASP B 137 -25.54 2.27 10.37
N GLY B 138 -25.35 2.30 9.05
CA GLY B 138 -24.44 3.27 8.45
C GLY B 138 -23.25 2.58 7.81
N GLY B 139 -22.69 3.21 6.78
CA GLY B 139 -21.56 2.62 6.09
C GLY B 139 -22.05 1.60 5.08
N PHE B 140 -21.12 1.08 4.27
CA PHE B 140 -21.46 0.08 3.26
C PHE B 140 -20.76 -1.25 3.52
N GLY B 141 -21.41 -2.33 3.13
CA GLY B 141 -20.83 -3.66 3.29
C GLY B 141 -20.26 -4.09 1.96
N GLY B 142 -19.61 -5.26 1.92
CA GLY B 142 -19.01 -5.75 0.69
C GLY B 142 -20.03 -6.31 -0.30
N GLY B 143 -21.28 -6.38 0.13
CA GLY B 143 -22.34 -6.90 -0.72
C GLY B 143 -23.67 -6.80 0.00
N PRO B 144 -24.80 -7.07 -0.67
CA PRO B 144 -26.10 -6.96 0.00
C PRO B 144 -26.17 -7.90 1.20
N GLY B 145 -26.61 -7.36 2.34
CA GLY B 145 -26.74 -8.19 3.52
C GLY B 145 -25.47 -8.36 4.33
N GLN B 146 -24.36 -7.80 3.86
CA GLN B 146 -23.11 -7.93 4.59
C GLN B 146 -22.96 -6.78 5.56
N TYR B 147 -22.27 -7.03 6.66
CA TYR B 147 -22.05 -5.99 7.66
C TYR B 147 -21.19 -4.88 7.04
N PRO B 148 -21.37 -3.64 7.51
CA PRO B 148 -20.60 -2.51 7.00
C PRO B 148 -19.11 -2.69 7.33
N HIS B 149 -18.25 -2.07 6.54
CA HIS B 149 -16.80 -2.18 6.71
C HIS B 149 -16.21 -0.91 6.06
N LEU B 150 -15.17 -0.34 6.66
CA LEU B 150 -14.58 0.87 6.11
C LEU B 150 -14.00 0.78 4.70
N ALA B 151 -13.50 -0.39 4.30
CA ALA B 151 -12.93 -0.50 2.96
C ALA B 151 -14.04 -0.39 1.90
N PRO B 152 -15.09 -1.24 1.98
CA PRO B 152 -16.12 -1.09 0.94
C PRO B 152 -16.89 0.24 1.08
N THR B 153 -16.88 0.82 2.27
CA THR B 153 -17.56 2.12 2.49
C THR B 153 -16.81 3.18 1.68
N TYR B 154 -15.48 3.13 1.73
CA TYR B 154 -14.63 4.05 1.00
C TYR B 154 -14.82 3.89 -0.51
N ALA B 155 -14.85 2.64 -0.96
CA ALA B 155 -15.02 2.35 -2.38
C ALA B 155 -16.40 2.78 -2.86
N ALA B 156 -17.42 2.50 -2.06
CA ALA B 156 -18.78 2.86 -2.41
C ALA B 156 -18.89 4.37 -2.60
N VAL B 157 -18.40 5.14 -1.64
CA VAL B 157 -18.47 6.60 -1.73
C VAL B 157 -17.72 7.08 -2.98
N ASN B 158 -16.54 6.53 -3.24
CA ASN B 158 -15.76 6.95 -4.41
C ASN B 158 -16.51 6.65 -5.71
N ALA B 159 -17.13 5.48 -5.78
CA ALA B 159 -17.87 5.11 -6.97
C ALA B 159 -19.02 6.10 -7.20
N LEU B 160 -19.80 6.37 -6.15
CA LEU B 160 -20.93 7.29 -6.23
C LEU B 160 -20.49 8.70 -6.66
N CYS B 161 -19.30 9.13 -6.21
CA CYS B 161 -18.79 10.46 -6.56
C CYS B 161 -18.30 10.48 -8.01
N ILE B 162 -17.83 9.34 -8.51
CA ILE B 162 -17.38 9.29 -9.89
C ILE B 162 -18.62 9.46 -10.77
N ILE B 163 -19.73 8.88 -10.34
CA ILE B 163 -20.97 9.00 -11.09
C ILE B 163 -21.41 10.45 -10.96
N GLY B 164 -21.27 11.00 -9.76
CA GLY B 164 -21.59 12.40 -9.50
C GLY B 164 -22.95 12.99 -9.78
N THR B 165 -23.99 12.16 -9.86
CA THR B 165 -25.34 12.67 -10.12
C THR B 165 -26.04 12.90 -8.78
N GLU B 166 -27.17 13.59 -8.83
CA GLU B 166 -27.94 13.86 -7.61
C GLU B 166 -28.35 12.53 -7.02
N GLU B 167 -28.73 11.60 -7.89
CA GLU B 167 -29.14 10.27 -7.45
C GLU B 167 -28.01 9.56 -6.68
N ALA B 168 -26.81 9.59 -7.25
CA ALA B 168 -25.67 8.94 -6.60
C ALA B 168 -25.42 9.55 -5.23
N TYR B 169 -25.30 10.88 -5.17
CA TYR B 169 -25.08 11.57 -3.90
C TYR B 169 -26.13 11.22 -2.86
N ASN B 170 -27.40 11.19 -3.27
CA ASN B 170 -28.49 10.90 -2.34
C ASN B 170 -28.52 9.49 -1.78
N VAL B 171 -27.74 8.59 -2.37
CA VAL B 171 -27.68 7.22 -1.88
C VAL B 171 -27.07 7.18 -0.47
N ILE B 172 -26.05 8.00 -0.26
CA ILE B 172 -25.35 8.05 1.01
C ILE B 172 -26.16 8.62 2.18
N ASN B 173 -26.35 7.81 3.21
CA ASN B 173 -27.06 8.24 4.41
C ASN B 173 -25.97 8.86 5.30
N ARG B 174 -25.87 10.18 5.26
CA ARG B 174 -24.85 10.91 6.00
C ARG B 174 -24.94 10.82 7.53
N GLU B 175 -26.15 10.85 8.08
CA GLU B 175 -26.29 10.76 9.53
C GLU B 175 -25.79 9.40 10.05
N LYS B 176 -26.23 8.33 9.40
CA LYS B 176 -25.82 6.98 9.80
C LYS B 176 -24.34 6.75 9.56
N LEU B 177 -23.83 7.28 8.44
CA LEU B 177 -22.43 7.11 8.11
C LEU B 177 -21.58 7.65 9.26
N LEU B 178 -21.89 8.88 9.72
CA LEU B 178 -21.16 9.50 10.81
C LEU B 178 -21.29 8.66 12.07
N GLN B 179 -22.49 8.17 12.34
CA GLN B 179 -22.71 7.33 13.51
C GLN B 179 -21.81 6.10 13.40
N TYR B 180 -21.76 5.51 12.20
CA TYR B 180 -20.93 4.35 11.97
C TYR B 180 -19.45 4.67 12.27
N LEU B 181 -18.94 5.77 11.71
CA LEU B 181 -17.55 6.16 11.94
C LEU B 181 -17.25 6.28 13.44
N TYR B 182 -18.16 6.89 14.19
CA TYR B 182 -17.99 7.05 15.62
C TYR B 182 -17.93 5.71 16.34
N SER B 183 -18.72 4.75 15.89
CA SER B 183 -18.74 3.45 16.55
C SER B 183 -17.43 2.69 16.38
N LEU B 184 -16.61 3.11 15.43
CA LEU B 184 -15.32 2.47 15.15
C LEU B 184 -14.13 3.21 15.74
N LYS B 185 -14.34 4.48 16.08
CA LYS B 185 -13.29 5.33 16.64
C LYS B 185 -12.74 4.77 17.97
N GLN B 186 -11.42 4.73 18.10
CA GLN B 186 -10.77 4.24 19.31
C GLN B 186 -10.20 5.39 20.14
N PRO B 187 -9.93 5.14 21.44
CA PRO B 187 -9.38 6.17 22.30
C PRO B 187 -8.00 6.67 21.89
N ASP B 188 -7.16 5.81 21.31
CA ASP B 188 -5.83 6.23 20.91
C ASP B 188 -5.78 7.01 19.59
N GLY B 189 -6.95 7.27 19.01
CA GLY B 189 -7.00 8.02 17.77
C GLY B 189 -7.22 7.19 16.50
N SER B 190 -7.07 5.88 16.62
CA SER B 190 -7.24 4.99 15.47
C SER B 190 -8.72 4.61 15.27
N PHE B 191 -8.97 3.84 14.22
CA PHE B 191 -10.32 3.36 13.90
C PHE B 191 -10.27 1.85 13.61
N LEU B 192 -11.35 1.15 13.91
CA LEU B 192 -11.41 -0.27 13.59
C LEU B 192 -11.83 -0.27 12.11
N MET B 193 -11.52 -1.33 11.36
CA MET B 193 -11.93 -1.38 9.95
C MET B 193 -13.44 -1.64 9.94
N HIS B 194 -13.92 -2.34 10.97
CA HIS B 194 -15.34 -2.69 11.12
C HIS B 194 -15.54 -3.22 12.55
N VAL B 195 -16.79 -3.38 12.98
CA VAL B 195 -17.08 -3.87 14.32
C VAL B 195 -16.39 -5.19 14.61
N GLY B 196 -15.68 -5.25 15.74
CA GLY B 196 -14.95 -6.46 16.10
C GLY B 196 -13.83 -6.75 15.11
N GLY B 197 -13.42 -5.74 14.34
CA GLY B 197 -12.38 -5.92 13.34
C GLY B 197 -10.97 -5.45 13.69
N GLU B 198 -10.08 -5.49 12.72
CA GLU B 198 -8.69 -5.07 12.92
C GLU B 198 -8.46 -3.56 12.78
N VAL B 199 -7.33 -3.12 13.31
CA VAL B 199 -6.93 -1.72 13.28
C VAL B 199 -5.60 -1.51 12.56
N ASP B 200 -5.58 -0.60 11.61
CA ASP B 200 -4.36 -0.22 10.90
C ASP B 200 -4.63 1.08 10.19
N VAL B 201 -3.60 1.72 9.65
CA VAL B 201 -3.76 3.01 9.03
C VAL B 201 -4.75 3.12 7.89
N ARG B 202 -5.14 1.99 7.30
CA ARG B 202 -6.11 2.04 6.21
C ARG B 202 -7.42 2.66 6.70
N SER B 203 -7.83 2.32 7.92
CA SER B 203 -9.09 2.82 8.46
C SER B 203 -9.12 4.33 8.60
N ALA B 204 -7.98 4.92 8.97
CA ALA B 204 -7.88 6.36 9.13
C ALA B 204 -8.16 7.02 7.78
N TYR B 205 -7.52 6.51 6.72
CA TYR B 205 -7.71 7.06 5.38
C TYR B 205 -9.15 6.87 4.87
N CYS B 206 -9.69 5.66 5.01
CA CYS B 206 -11.04 5.39 4.55
C CYS B 206 -12.04 6.30 5.24
N ALA B 207 -11.87 6.47 6.55
CA ALA B 207 -12.75 7.33 7.33
C ALA B 207 -12.64 8.79 6.88
N ALA B 208 -11.41 9.30 6.84
CA ALA B 208 -11.18 10.68 6.45
C ALA B 208 -11.63 10.96 5.01
N SER B 209 -11.50 9.96 4.14
CA SER B 209 -11.90 10.14 2.75
C SER B 209 -13.41 10.31 2.61
N VAL B 210 -14.18 9.38 3.16
CA VAL B 210 -15.64 9.47 3.06
C VAL B 210 -16.22 10.60 3.90
N ALA B 211 -15.61 10.88 5.05
CA ALA B 211 -16.09 11.96 5.92
C ALA B 211 -15.89 13.33 5.31
N SER B 212 -14.75 13.55 4.66
CA SER B 212 -14.48 14.85 4.06
C SER B 212 -15.34 15.10 2.83
N LEU B 213 -15.49 14.09 1.98
CA LEU B 213 -16.28 14.24 0.76
C LEU B 213 -17.75 14.53 1.06
N THR B 214 -18.32 13.81 2.03
CA THR B 214 -19.73 13.98 2.38
C THR B 214 -19.99 15.05 3.43
N ASN B 215 -18.95 15.78 3.81
CA ASN B 215 -19.08 16.85 4.79
C ASN B 215 -19.77 16.42 6.09
N ILE B 216 -19.15 15.48 6.81
CA ILE B 216 -19.72 15.02 8.08
C ILE B 216 -18.67 15.08 9.18
N ILE B 217 -17.55 15.73 8.89
CA ILE B 217 -16.47 15.84 9.86
C ILE B 217 -16.83 16.79 11.00
N THR B 218 -16.98 16.23 12.20
CA THR B 218 -17.30 17.01 13.37
C THR B 218 -15.97 17.41 14.03
N PRO B 219 -16.01 18.29 15.05
CA PRO B 219 -14.83 18.78 15.76
C PRO B 219 -13.95 17.72 16.45
N ASP B 220 -14.57 16.65 16.93
CA ASP B 220 -13.83 15.60 17.65
C ASP B 220 -13.70 14.26 16.93
N LEU B 221 -14.34 14.11 15.76
CA LEU B 221 -14.28 12.85 15.03
C LEU B 221 -12.86 12.33 14.85
N PHE B 222 -11.94 13.21 14.45
CA PHE B 222 -10.57 12.81 14.23
C PHE B 222 -9.57 13.20 15.30
N GLU B 223 -10.05 13.41 16.54
CA GLU B 223 -9.16 13.78 17.64
C GLU B 223 -8.15 12.67 17.86
N GLY B 224 -6.88 13.02 17.86
CA GLY B 224 -5.84 12.03 18.09
C GLY B 224 -5.49 11.19 16.89
N THR B 225 -6.26 11.31 15.81
CA THR B 225 -6.00 10.52 14.61
C THR B 225 -4.67 10.89 13.96
N ALA B 226 -4.43 12.19 13.81
CA ALA B 226 -3.18 12.65 13.18
C ALA B 226 -1.98 12.16 13.97
N GLU B 227 -2.08 12.17 15.30
CA GLU B 227 -1.00 11.72 16.17
C GLU B 227 -0.78 10.23 16.02
N TRP B 228 -1.88 9.47 16.01
CA TRP B 228 -1.78 8.03 15.83
C TRP B 228 -1.08 7.73 14.50
N ILE B 229 -1.50 8.39 13.43
CA ILE B 229 -0.88 8.17 12.12
C ILE B 229 0.61 8.49 12.17
N ALA B 230 0.97 9.60 12.80
CA ALA B 230 2.38 10.00 12.89
C ALA B 230 3.21 8.93 13.62
N ARG B 231 2.58 8.22 14.56
CA ARG B 231 3.28 7.17 15.28
C ARG B 231 3.62 6.00 14.36
N CYS B 232 2.93 5.89 13.22
CA CYS B 232 3.17 4.80 12.27
C CYS B 232 4.39 5.05 11.37
N GLN B 233 4.92 6.27 11.38
CA GLN B 233 6.10 6.55 10.56
C GLN B 233 7.26 5.94 11.34
N ASN B 234 8.10 5.16 10.67
CA ASN B 234 9.20 4.52 11.37
C ASN B 234 10.57 5.01 10.94
N TRP B 235 11.61 4.34 11.44
CA TRP B 235 12.99 4.67 11.14
C TRP B 235 13.32 4.75 9.65
N GLU B 236 12.50 4.10 8.83
CA GLU B 236 12.72 4.09 7.39
C GLU B 236 12.31 5.38 6.68
N GLY B 237 11.39 6.13 7.28
CA GLY B 237 10.91 7.35 6.66
C GLY B 237 9.50 7.12 6.15
N GLY B 238 9.18 5.87 5.85
CA GLY B 238 7.86 5.53 5.37
C GLY B 238 6.91 5.27 6.54
N ILE B 239 5.69 4.83 6.23
CA ILE B 239 4.70 4.56 7.26
C ILE B 239 4.26 3.10 7.24
N GLY B 240 4.09 2.52 8.42
CA GLY B 240 3.67 1.13 8.55
C GLY B 240 2.18 1.03 8.90
N GLY B 241 1.64 -0.19 8.84
CA GLY B 241 0.23 -0.39 9.15
C GLY B 241 -0.15 0.09 10.54
N VAL B 242 0.70 -0.24 11.51
CA VAL B 242 0.50 0.18 12.90
C VAL B 242 1.89 0.57 13.43
N PRO B 243 1.93 1.35 14.53
CA PRO B 243 3.21 1.76 15.11
C PRO B 243 4.12 0.55 15.29
N GLY B 244 5.36 0.65 14.80
CA GLY B 244 6.31 -0.44 14.93
C GLY B 244 6.53 -1.28 13.67
N MET B 245 5.59 -1.26 12.74
CA MET B 245 5.71 -2.06 11.53
C MET B 245 6.49 -1.45 10.36
N GLU B 246 7.04 -2.35 9.55
CA GLU B 246 7.82 -1.98 8.37
C GLU B 246 7.07 -0.98 7.50
N ALA B 247 7.82 -0.08 6.88
CA ALA B 247 7.22 0.95 6.02
C ALA B 247 6.71 0.31 4.74
N HIS B 248 5.51 0.68 4.31
CA HIS B 248 4.94 0.13 3.10
C HIS B 248 4.18 1.17 2.30
N GLY B 249 4.31 1.13 0.98
CA GLY B 249 3.63 2.08 0.12
C GLY B 249 2.12 2.16 0.30
N GLY B 250 1.46 1.03 0.59
CA GLY B 250 0.02 1.08 0.75
C GLY B 250 -0.37 1.86 1.98
N TYR B 251 0.29 1.56 3.09
CA TYR B 251 0.03 2.22 4.36
C TYR B 251 0.54 3.64 4.36
N THR B 252 1.63 3.90 3.64
CA THR B 252 2.20 5.23 3.58
C THR B 252 1.27 6.15 2.81
N PHE B 253 0.69 5.64 1.72
CA PHE B 253 -0.24 6.46 0.97
C PHE B 253 -1.43 6.80 1.88
N CYS B 254 -1.97 5.79 2.55
CA CYS B 254 -3.11 6.00 3.45
C CYS B 254 -2.78 7.03 4.54
N GLY B 255 -1.60 6.89 5.14
CA GLY B 255 -1.19 7.80 6.19
C GLY B 255 -1.07 9.24 5.70
N LEU B 256 -0.29 9.46 4.65
CA LEU B 256 -0.11 10.81 4.14
C LEU B 256 -1.43 11.37 3.60
N ALA B 257 -2.13 10.62 2.76
CA ALA B 257 -3.39 11.11 2.21
C ALA B 257 -4.38 11.52 3.31
N ALA B 258 -4.46 10.72 4.37
CA ALA B 258 -5.37 11.03 5.48
C ALA B 258 -4.91 12.33 6.15
N LEU B 259 -3.59 12.45 6.37
CA LEU B 259 -3.05 13.64 7.01
C LEU B 259 -3.30 14.89 6.15
N VAL B 260 -3.25 14.72 4.83
CA VAL B 260 -3.50 15.85 3.94
C VAL B 260 -4.95 16.28 4.08
N ILE B 261 -5.85 15.31 4.21
CA ILE B 261 -7.28 15.62 4.38
C ILE B 261 -7.48 16.36 5.70
N LEU B 262 -6.76 15.92 6.73
CA LEU B 262 -6.86 16.54 8.06
C LEU B 262 -5.97 17.79 8.17
N LYS B 263 -5.23 18.09 7.12
CA LYS B 263 -4.34 19.24 7.09
C LYS B 263 -3.32 19.14 8.23
N LYS B 264 -2.71 17.98 8.38
CA LYS B 264 -1.73 17.73 9.42
C LYS B 264 -0.50 17.04 8.88
N GLU B 265 -0.25 17.15 7.58
CA GLU B 265 0.91 16.50 6.97
C GLU B 265 2.19 16.84 7.72
N ARG B 266 2.20 18.01 8.33
CA ARG B 266 3.37 18.45 9.06
C ARG B 266 3.71 17.61 10.28
N SER B 267 2.75 16.82 10.76
CA SER B 267 3.00 15.95 11.91
C SER B 267 4.07 14.92 11.56
N LEU B 268 4.33 14.77 10.27
CA LEU B 268 5.31 13.81 9.80
C LEU B 268 6.64 14.46 9.45
N ASN B 269 7.67 13.64 9.41
CA ASN B 269 8.98 14.09 9.00
C ASN B 269 8.89 13.93 7.47
N LEU B 270 8.44 14.98 6.79
CA LEU B 270 8.28 14.91 5.35
C LEU B 270 9.57 14.62 4.59
N LYS B 271 10.70 15.04 5.12
CA LYS B 271 11.97 14.79 4.44
C LYS B 271 12.35 13.32 4.40
N SER B 272 12.22 12.62 5.53
CA SER B 272 12.56 11.21 5.55
C SER B 272 11.56 10.44 4.70
N LEU B 273 10.32 10.93 4.68
CA LEU B 273 9.28 10.29 3.88
C LEU B 273 9.62 10.43 2.39
N LEU B 274 10.00 11.64 1.99
CA LEU B 274 10.36 11.90 0.61
C LEU B 274 11.52 11.01 0.16
N GLN B 275 12.54 10.92 1.01
CA GLN B 275 13.71 10.12 0.66
C GLN B 275 13.37 8.63 0.54
N TRP B 276 12.45 8.18 1.39
CA TRP B 276 12.03 6.80 1.38
C TRP B 276 11.25 6.42 0.11
N VAL B 277 10.22 7.19 -0.22
CA VAL B 277 9.42 6.85 -1.40
C VAL B 277 10.20 6.94 -2.71
N THR B 278 11.04 7.96 -2.85
CA THR B 278 11.82 8.10 -4.09
C THR B 278 12.76 6.91 -4.26
N SER B 279 13.19 6.33 -3.14
CA SER B 279 14.08 5.18 -3.19
C SER B 279 13.33 3.90 -3.54
N ARG B 280 11.99 3.98 -3.54
CA ARG B 280 11.18 2.81 -3.85
C ARG B 280 11.01 2.57 -5.36
N GLN B 281 11.48 3.51 -6.18
CA GLN B 281 11.40 3.32 -7.63
C GLN B 281 12.61 2.47 -8.05
N MET B 282 12.35 1.37 -8.75
CA MET B 282 13.42 0.46 -9.17
C MET B 282 14.25 1.05 -10.31
N ARG B 283 15.56 1.13 -10.11
CA ARG B 283 16.48 1.69 -11.10
C ARG B 283 16.40 0.95 -12.43
N PHE B 284 16.27 -0.37 -12.39
CA PHE B 284 16.19 -1.12 -13.64
C PHE B 284 14.77 -1.15 -14.23
N GLU B 285 13.82 -1.74 -13.51
CA GLU B 285 12.44 -1.87 -13.97
C GLU B 285 11.70 -0.58 -14.31
N GLY B 286 11.90 0.46 -13.49
CA GLY B 286 11.21 1.73 -13.76
C GLY B 286 9.97 1.91 -12.90
N GLY B 287 9.35 0.79 -12.49
CA GLY B 287 8.18 0.86 -11.65
C GLY B 287 8.58 0.94 -10.19
N PHE B 288 7.62 0.85 -9.28
CA PHE B 288 7.92 0.92 -7.85
C PHE B 288 7.71 -0.39 -7.11
N GLN B 289 8.44 -0.53 -5.99
CA GLN B 289 8.31 -1.70 -5.11
C GLN B 289 7.46 -1.19 -3.95
N GLY B 290 6.87 -2.09 -3.17
CA GLY B 290 6.03 -1.68 -2.05
C GLY B 290 6.79 -1.41 -0.77
N ARG B 291 7.96 -2.01 -0.66
CA ARG B 291 8.81 -1.84 0.50
C ARG B 291 10.24 -2.20 0.09
N CYS B 292 11.21 -1.74 0.87
CA CYS B 292 12.61 -1.99 0.58
C CYS B 292 12.93 -3.47 0.42
N ASN B 293 13.72 -3.78 -0.60
CA ASN B 293 14.13 -5.15 -0.92
C ASN B 293 13.05 -6.15 -1.32
N LYS B 294 11.93 -5.66 -1.83
CA LYS B 294 10.89 -6.57 -2.34
C LYS B 294 10.76 -6.31 -3.84
N LEU B 295 9.73 -6.86 -4.48
CA LEU B 295 9.64 -6.72 -5.92
C LEU B 295 8.77 -5.59 -6.46
N VAL B 296 9.07 -5.21 -7.69
CA VAL B 296 8.35 -4.16 -8.39
C VAL B 296 6.92 -4.67 -8.61
N ASP B 297 5.95 -3.76 -8.62
CA ASP B 297 4.55 -4.12 -8.83
C ASP B 297 3.82 -2.91 -9.38
N GLY B 298 3.11 -3.13 -10.48
CA GLY B 298 2.37 -2.07 -11.13
C GLY B 298 1.37 -1.29 -10.29
N CYS B 299 0.75 -1.91 -9.28
CA CYS B 299 -0.22 -1.16 -8.48
C CYS B 299 0.44 -0.05 -7.65
N TYR B 300 1.72 -0.22 -7.34
CA TYR B 300 2.44 0.80 -6.57
C TYR B 300 2.71 2.01 -7.44
N SER B 301 2.41 1.90 -8.72
CA SER B 301 2.58 3.04 -9.62
C SER B 301 1.68 4.13 -9.06
N PHE B 302 0.70 3.73 -8.24
CA PHE B 302 -0.17 4.72 -7.63
C PHE B 302 0.13 4.90 -6.14
N TRP B 303 0.05 3.82 -5.37
CA TRP B 303 0.30 3.92 -3.92
C TRP B 303 1.62 4.61 -3.61
N GLN B 304 2.65 4.36 -4.42
CA GLN B 304 3.96 4.98 -4.17
C GLN B 304 4.11 6.30 -4.94
N ALA B 305 4.12 6.25 -6.27
CA ALA B 305 4.26 7.47 -7.06
C ALA B 305 3.23 8.52 -6.69
N GLY B 306 2.05 8.08 -6.26
CA GLY B 306 0.98 9.00 -5.89
C GLY B 306 1.35 9.86 -4.69
N LEU B 307 2.39 9.46 -3.97
CA LEU B 307 2.84 10.20 -2.81
C LEU B 307 3.57 11.48 -3.21
N LEU B 308 4.22 11.44 -4.36
CA LEU B 308 4.97 12.61 -4.80
C LEU B 308 4.08 13.84 -5.02
N PRO B 309 2.91 13.66 -5.65
CA PRO B 309 2.08 14.85 -5.83
C PRO B 309 1.65 15.37 -4.45
N LEU B 310 1.46 14.45 -3.51
CA LEU B 310 1.04 14.82 -2.16
C LEU B 310 2.18 15.56 -1.43
N LEU B 311 3.41 15.07 -1.59
CA LEU B 311 4.57 15.69 -0.96
C LEU B 311 4.87 17.04 -1.60
N HIS B 312 4.67 17.13 -2.91
CA HIS B 312 4.92 18.36 -3.62
C HIS B 312 4.01 19.44 -3.04
N ARG B 313 2.73 19.10 -2.91
CA ARG B 313 1.73 20.03 -2.36
C ARG B 313 2.05 20.43 -0.93
N ALA B 314 2.51 19.47 -0.12
CA ALA B 314 2.83 19.74 1.28
C ALA B 314 4.07 20.61 1.42
N LEU B 315 5.11 20.30 0.66
CA LEU B 315 6.35 21.07 0.71
C LEU B 315 6.15 22.48 0.17
N HIS B 316 5.37 22.59 -0.89
CA HIS B 316 5.08 23.88 -1.50
C HIS B 316 4.25 24.72 -0.53
N ALA B 317 3.39 24.06 0.25
CA ALA B 317 2.56 24.76 1.23
C ALA B 317 3.45 25.32 2.32
N GLN B 318 4.65 24.76 2.45
CA GLN B 318 5.60 25.23 3.45
C GLN B 318 6.54 26.25 2.80
N GLY B 319 6.26 26.57 1.54
CA GLY B 319 7.07 27.53 0.82
C GLY B 319 8.39 27.02 0.29
N ASP B 320 8.52 25.71 0.11
CA ASP B 320 9.76 25.14 -0.39
C ASP B 320 10.10 25.81 -1.73
N PRO B 321 11.25 26.50 -1.80
CA PRO B 321 11.68 27.20 -3.01
C PRO B 321 12.40 26.34 -4.05
N ALA B 322 12.84 25.15 -3.67
CA ALA B 322 13.57 24.28 -4.60
C ALA B 322 12.69 23.35 -5.43
N LEU B 323 11.39 23.33 -5.13
CA LEU B 323 10.45 22.46 -5.86
C LEU B 323 10.36 22.71 -7.36
N SER B 324 10.56 21.65 -8.15
CA SER B 324 10.46 21.74 -9.60
C SER B 324 9.10 22.31 -9.97
N MET B 325 9.02 22.96 -11.12
CA MET B 325 7.75 23.53 -11.57
C MET B 325 7.21 22.84 -12.80
N SER B 326 7.78 21.68 -13.12
CA SER B 326 7.33 20.91 -14.28
C SER B 326 7.27 19.39 -14.07
N HIS B 327 7.95 18.88 -13.05
CA HIS B 327 7.95 17.44 -12.80
C HIS B 327 7.79 17.03 -11.33
N TRP B 328 7.27 15.82 -11.13
CA TRP B 328 7.10 15.26 -9.78
C TRP B 328 8.49 14.72 -9.44
N MET B 329 8.76 14.46 -8.17
CA MET B 329 10.09 13.95 -7.83
C MET B 329 10.32 12.45 -7.97
N PHE B 330 10.01 11.94 -9.17
CA PHE B 330 10.24 10.54 -9.50
C PHE B 330 10.40 10.48 -11.02
N HIS B 331 11.03 9.43 -11.54
CA HIS B 331 11.25 9.32 -12.97
C HIS B 331 9.93 9.03 -13.68
N GLN B 332 9.25 10.08 -14.14
CA GLN B 332 7.97 9.93 -14.81
C GLN B 332 8.05 9.08 -16.07
N GLN B 333 9.08 9.33 -16.86
CA GLN B 333 9.27 8.59 -18.10
C GLN B 333 9.46 7.09 -17.84
N ALA B 334 10.35 6.75 -16.92
CA ALA B 334 10.61 5.35 -16.61
C ALA B 334 9.36 4.62 -16.11
N LEU B 335 8.55 5.28 -15.29
CA LEU B 335 7.34 4.65 -14.78
C LEU B 335 6.39 4.34 -15.94
N GLN B 336 6.19 5.32 -16.82
CA GLN B 336 5.32 5.12 -17.99
C GLN B 336 5.82 3.98 -18.86
N GLU B 337 7.13 3.87 -19.01
CA GLU B 337 7.72 2.82 -19.81
C GLU B 337 7.44 1.46 -19.20
N TYR B 338 7.61 1.37 -17.88
CA TYR B 338 7.37 0.11 -17.19
C TYR B 338 5.93 -0.36 -17.36
N ILE B 339 5.00 0.56 -17.11
CA ILE B 339 3.59 0.27 -17.22
C ILE B 339 3.17 -0.13 -18.63
N LEU B 340 3.53 0.70 -19.60
CA LEU B 340 3.16 0.46 -21.00
C LEU B 340 3.80 -0.78 -21.59
N MET B 341 5.07 -1.01 -21.32
CA MET B 341 5.76 -2.17 -21.86
C MET B 341 5.61 -3.46 -21.07
N CYS B 342 5.42 -3.36 -19.76
CA CYS B 342 5.34 -4.56 -18.92
C CYS B 342 4.03 -4.88 -18.21
N CYS B 343 3.14 -3.91 -18.09
CA CYS B 343 1.90 -4.15 -17.35
C CYS B 343 0.58 -4.30 -18.10
N GLN B 344 0.63 -4.34 -19.43
CA GLN B 344 -0.61 -4.50 -20.19
C GLN B 344 -0.81 -5.94 -20.62
N CYS B 345 -2.05 -6.42 -20.48
CA CYS B 345 -2.38 -7.75 -20.94
C CYS B 345 -2.89 -7.53 -22.36
N PRO B 346 -2.43 -8.32 -23.33
CA PRO B 346 -2.87 -8.17 -24.72
C PRO B 346 -4.39 -8.27 -24.91
N ALA B 347 -5.03 -9.05 -24.04
CA ALA B 347 -6.48 -9.22 -24.11
C ALA B 347 -7.24 -8.09 -23.41
N GLY B 348 -6.49 -7.14 -22.84
CA GLY B 348 -7.11 -6.03 -22.14
C GLY B 348 -6.91 -6.16 -20.64
N GLY B 349 -6.79 -5.04 -19.95
CA GLY B 349 -6.58 -5.06 -18.51
C GLY B 349 -5.10 -4.96 -18.21
N LEU B 350 -4.76 -4.56 -16.98
CA LEU B 350 -3.36 -4.43 -16.61
C LEU B 350 -2.98 -5.35 -15.46
N LEU B 351 -1.69 -5.41 -15.16
CA LEU B 351 -1.25 -6.33 -14.13
C LEU B 351 -0.01 -5.96 -13.35
N ASP B 352 0.23 -6.73 -12.30
CA ASP B 352 1.35 -6.59 -11.39
C ASP B 352 2.68 -6.46 -12.16
N LYS B 353 3.12 -7.56 -12.75
CA LYS B 353 4.36 -7.59 -13.51
C LYS B 353 4.27 -8.72 -14.55
N PRO B 354 5.20 -8.76 -15.53
CA PRO B 354 5.15 -9.82 -16.53
C PRO B 354 5.10 -11.19 -15.85
N GLY B 355 4.16 -12.03 -16.27
CA GLY B 355 4.05 -13.33 -15.65
C GLY B 355 2.83 -13.41 -14.75
N LYS B 356 2.33 -12.25 -14.34
CA LYS B 356 1.15 -12.19 -13.49
C LYS B 356 -0.07 -11.99 -14.40
N SER B 357 -1.23 -12.42 -13.92
CA SER B 357 -2.45 -12.28 -14.71
C SER B 357 -3.17 -11.01 -14.33
N ARG B 358 -3.94 -10.48 -15.26
CA ARG B 358 -4.71 -9.26 -15.08
C ARG B 358 -5.80 -9.39 -14.02
N ASP B 359 -6.26 -8.26 -13.53
CA ASP B 359 -7.36 -8.18 -12.57
C ASP B 359 -7.75 -6.72 -12.50
N PHE B 360 -8.98 -6.45 -12.07
CA PHE B 360 -9.44 -5.06 -12.03
C PHE B 360 -8.71 -4.16 -11.05
N TYR B 361 -8.13 -4.75 -10.01
CA TYR B 361 -7.38 -3.99 -9.03
C TYR B 361 -6.16 -3.35 -9.72
N HIS B 362 -5.36 -4.17 -10.38
CA HIS B 362 -4.19 -3.65 -11.07
C HIS B 362 -4.54 -2.78 -12.28
N THR B 363 -5.68 -3.06 -12.90
CA THR B 363 -6.13 -2.28 -14.04
C THR B 363 -6.39 -0.86 -13.55
N CYS B 364 -7.01 -0.75 -12.38
CA CYS B 364 -7.33 0.55 -11.79
C CYS B 364 -6.07 1.33 -11.43
N TYR B 365 -5.22 0.74 -10.59
CA TYR B 365 -4.02 1.43 -10.15
C TYR B 365 -2.89 1.61 -11.14
N CYS B 366 -2.77 0.75 -12.14
CA CYS B 366 -1.71 0.95 -13.13
C CYS B 366 -2.06 2.20 -13.94
N LEU B 367 -3.34 2.33 -14.30
CA LEU B 367 -3.78 3.49 -15.06
C LEU B 367 -3.70 4.75 -14.21
N SER B 368 -4.10 4.64 -12.95
CA SER B 368 -4.04 5.79 -12.03
C SER B 368 -2.59 6.28 -11.96
N GLY B 369 -1.67 5.34 -11.83
CA GLY B 369 -0.26 5.68 -11.76
C GLY B 369 0.21 6.27 -13.08
N LEU B 370 -0.26 5.74 -14.20
CA LEU B 370 0.14 6.26 -15.51
C LEU B 370 -0.29 7.71 -15.61
N SER B 371 -1.51 8.00 -15.17
CA SER B 371 -2.04 9.35 -15.20
C SER B 371 -1.16 10.29 -14.37
N ILE B 372 -0.86 9.88 -13.14
CA ILE B 372 -0.01 10.68 -12.26
C ILE B 372 1.30 11.02 -12.99
N ALA B 373 1.91 10.02 -13.61
CA ALA B 373 3.18 10.19 -14.31
C ALA B 373 3.11 11.04 -15.59
N GLN B 374 1.92 11.24 -16.12
CA GLN B 374 1.75 12.03 -17.34
C GLN B 374 1.39 13.48 -17.01
N HIS B 375 0.71 13.69 -15.89
CA HIS B 375 0.29 15.03 -15.55
C HIS B 375 0.88 15.63 -14.30
N PHE B 376 1.61 16.73 -14.50
CA PHE B 376 2.21 17.48 -13.41
C PHE B 376 1.40 18.77 -13.30
N GLY B 377 1.12 19.20 -12.07
CA GLY B 377 0.36 20.43 -11.88
C GLY B 377 0.50 21.00 -10.49
N SER B 378 1.10 22.18 -10.39
CA SER B 378 1.28 22.85 -9.10
C SER B 378 0.66 24.24 -9.16
N GLY B 379 -0.66 24.30 -9.01
CA GLY B 379 -1.36 25.57 -9.05
C GLY B 379 -1.61 26.00 -10.49
N ALA B 380 -0.89 27.03 -10.92
CA ALA B 380 -1.02 27.57 -12.26
C ALA B 380 -0.14 26.79 -13.24
N MET B 381 0.99 26.30 -12.74
CA MET B 381 1.93 25.53 -13.56
C MET B 381 1.30 24.21 -13.99
N LEU B 382 1.52 23.82 -15.24
CA LEU B 382 0.97 22.58 -15.77
C LEU B 382 1.86 22.02 -16.88
N HIS B 383 2.44 20.86 -16.65
CA HIS B 383 3.31 20.24 -17.65
C HIS B 383 3.00 18.76 -17.80
N ASP B 384 2.81 18.32 -19.04
CA ASP B 384 2.51 16.92 -19.32
C ASP B 384 3.67 16.19 -19.96
N VAL B 385 3.70 14.87 -19.75
CA VAL B 385 4.72 14.01 -20.33
C VAL B 385 3.99 12.74 -20.74
N VAL B 386 3.78 12.58 -22.04
CA VAL B 386 3.08 11.43 -22.56
C VAL B 386 3.99 10.56 -23.39
N MET B 387 4.48 9.46 -22.82
CA MET B 387 5.37 8.56 -23.56
C MET B 387 4.55 7.77 -24.58
N GLY B 388 5.19 7.42 -25.70
CA GLY B 388 4.51 6.66 -26.74
C GLY B 388 3.55 7.53 -27.53
N VAL B 389 2.63 6.90 -28.26
CA VAL B 389 1.67 7.64 -29.06
C VAL B 389 0.85 8.59 -28.19
N PRO B 390 0.59 9.81 -28.71
CA PRO B 390 -0.18 10.82 -27.98
C PRO B 390 -1.56 10.39 -27.49
N GLU B 391 -2.11 9.33 -28.08
CA GLU B 391 -3.43 8.84 -27.66
C GLU B 391 -3.35 8.21 -26.27
N ASN B 392 -2.14 7.97 -25.79
CA ASN B 392 -1.91 7.37 -24.48
C ASN B 392 -2.30 8.27 -23.30
N VAL B 393 -2.40 9.58 -23.54
CA VAL B 393 -2.75 10.50 -22.46
C VAL B 393 -4.12 10.20 -21.85
N LEU B 394 -4.15 10.12 -20.53
CA LEU B 394 -5.37 9.82 -19.79
C LEU B 394 -5.93 11.04 -19.09
N GLN B 395 -7.11 10.89 -18.51
CA GLN B 395 -7.74 11.96 -17.74
C GLN B 395 -6.97 11.99 -16.41
N PRO B 396 -6.79 13.18 -15.83
CA PRO B 396 -6.06 13.31 -14.57
C PRO B 396 -6.81 12.74 -13.36
N THR B 397 -6.07 12.39 -12.32
CA THR B 397 -6.70 11.85 -11.13
C THR B 397 -6.26 12.66 -9.92
N HIS B 398 -7.15 12.78 -8.94
CA HIS B 398 -6.84 13.52 -7.73
C HIS B 398 -5.96 12.64 -6.83
N PRO B 399 -4.77 13.12 -6.45
CA PRO B 399 -3.84 12.36 -5.60
C PRO B 399 -4.28 11.97 -4.20
N VAL B 400 -5.40 12.48 -3.73
CA VAL B 400 -5.88 12.13 -2.39
C VAL B 400 -6.99 11.08 -2.42
N TYR B 401 -7.96 11.27 -3.30
CA TYR B 401 -9.10 10.35 -3.40
C TYR B 401 -9.03 9.35 -4.54
N ASN B 402 -8.19 9.64 -5.52
CA ASN B 402 -8.01 8.83 -6.72
C ASN B 402 -9.29 8.68 -7.53
N ILE B 403 -9.90 9.82 -7.83
CA ILE B 403 -11.09 9.94 -8.67
C ILE B 403 -10.81 11.26 -9.38
N GLY B 404 -11.54 11.54 -10.46
CA GLY B 404 -11.32 12.79 -11.18
C GLY B 404 -11.34 14.00 -10.27
N PRO B 405 -10.38 14.93 -10.43
CA PRO B 405 -10.31 16.14 -9.62
C PRO B 405 -11.61 16.92 -9.69
N ASP B 406 -12.26 16.85 -10.84
CA ASP B 406 -13.52 17.53 -11.07
C ASP B 406 -14.64 16.86 -10.28
N LYS B 407 -14.53 15.54 -10.12
CA LYS B 407 -15.53 14.79 -9.36
C LYS B 407 -15.38 15.10 -7.87
N VAL B 408 -14.16 15.35 -7.43
CA VAL B 408 -13.92 15.69 -6.03
C VAL B 408 -14.57 17.05 -5.74
N ILE B 409 -14.23 18.03 -6.56
CA ILE B 409 -14.77 19.38 -6.41
C ILE B 409 -16.28 19.33 -6.45
N GLN B 410 -16.83 18.66 -7.46
CA GLN B 410 -18.26 18.56 -7.60
C GLN B 410 -18.90 17.95 -6.34
N ALA B 411 -18.38 16.81 -5.90
CA ALA B 411 -18.92 16.14 -4.71
C ALA B 411 -18.84 16.99 -3.45
N THR B 412 -17.66 17.52 -3.14
CA THR B 412 -17.50 18.33 -1.93
C THR B 412 -18.41 19.55 -1.96
N THR B 413 -18.46 20.23 -3.11
CA THR B 413 -19.32 21.40 -3.24
C THR B 413 -20.75 21.01 -2.90
N HIS B 414 -21.21 19.93 -3.51
CA HIS B 414 -22.56 19.46 -3.27
C HIS B 414 -22.89 19.21 -1.81
N PHE B 415 -22.01 18.47 -1.13
CA PHE B 415 -22.25 18.14 0.27
C PHE B 415 -22.05 19.30 1.23
N LEU B 416 -21.33 20.32 0.80
CA LEU B 416 -21.14 21.48 1.66
C LEU B 416 -22.47 22.24 1.75
N GLN B 417 -23.39 21.89 0.85
CA GLN B 417 -24.71 22.52 0.84
C GLN B 417 -25.54 21.93 1.97
N LYS B 418 -25.10 20.78 2.46
CA LYS B 418 -25.78 20.10 3.56
C LYS B 418 -25.08 20.48 4.85
N PRO B 419 -25.78 20.39 5.99
CA PRO B 419 -25.13 20.75 7.26
C PRO B 419 -24.51 19.50 7.89
N VAL B 420 -23.36 19.66 8.54
CA VAL B 420 -22.71 18.53 9.19
C VAL B 420 -23.73 17.91 10.14
N PRO B 421 -24.04 16.61 9.96
CA PRO B 421 -25.01 15.91 10.81
C PRO B 421 -25.03 16.35 12.27
N GLY B 422 -26.21 16.77 12.73
CA GLY B 422 -26.37 17.24 14.11
C GLY B 422 -26.01 18.71 14.22
N PHE B 423 -25.64 19.29 13.07
CA PHE B 423 -25.25 20.69 12.96
C PHE B 423 -23.88 20.93 13.62
N THR C 5 -0.75 -15.36 -5.77
CA THR C 5 -0.13 -14.54 -6.85
C THR C 5 -0.77 -13.16 -7.02
N LYS C 6 -1.86 -12.91 -6.28
CA LYS C 6 -2.57 -11.63 -6.34
C LYS C 6 -2.33 -10.76 -5.09
N CYS C 7 -2.60 -9.46 -5.21
CA CYS C 7 -2.42 -8.53 -4.10
C CYS C 7 -3.63 -8.48 -3.19
N VAL C 8 -3.41 -8.63 -1.89
CA VAL C 8 -4.49 -8.58 -0.92
C VAL C 8 -4.35 -7.30 -0.09
N ILE C 9 -5.40 -6.46 -0.09
CA ILE C 9 -5.35 -5.22 0.66
C ILE C 9 -6.51 -5.00 1.62
N PHE C 10 -7.31 -6.06 1.84
CA PHE C 10 -8.43 -6.02 2.77
C PHE C 10 -9.11 -7.39 2.86
C ACY D . -5.19 -7.60 13.77
O ACY D . -5.03 -8.80 13.30
OXT ACY D . -6.09 -7.20 14.59
CH3 ACY D . -4.16 -6.60 13.25
ZN ZN E . -0.06 -5.18 -6.91
C1 FII F . -7.45 -0.15 1.36
C2 FII F . -6.55 1.01 0.98
C6 FII F . -7.31 2.28 0.73
C10 FII F . -5.20 0.97 0.86
C11 FII F . -4.29 -0.20 1.08
C12 FII F . -3.29 -0.34 -0.08
C15 FII F . -2.25 -1.44 0.10
C18 FII F . -1.43 -1.70 -1.18
C22 FII F . -2.04 -2.16 1.26
C23 FII F . -0.99 -3.25 1.43
C24 FII F . -1.09 -3.95 2.78
C27 FII F . -0.04 -5.02 2.94
C30 FII F . 1.33 -4.53 3.30
C34 FII F . -0.33 -6.33 2.77
C35 FII F . 0.68 -7.45 2.92
O36 FII F . 0.72 -8.25 1.74
N42 FII F . 1.31 -7.53 0.69
C43 FII F . 2.49 -7.93 0.18
O44 FII F . 3.29 -8.70 0.71
C45 FII F . 2.75 -7.30 -1.18
P46 FII F . 4.45 -6.68 -1.32
O49 FII F . 4.50 -5.84 -2.53
O50 FII F . 5.38 -7.78 -1.46
O51 FII F . 4.78 -5.92 -0.11
C ACY G . -13.65 -12.07 -15.21
O ACY G . -12.97 -13.11 -14.78
OXT ACY G . -14.91 -11.87 -15.11
CH3 ACY G . -12.78 -11.03 -15.88
#